data_4GAO
#
_entry.id   4GAO
#
_cell.length_a   48.567
_cell.length_b   190.151
_cell.length_c   49.072
_cell.angle_alpha   90.00
_cell.angle_beta   101.75
_cell.angle_gamma   90.00
#
_symmetry.space_group_name_H-M   'P 1 21 1'
#
loop_
_entity.id
_entity.type
_entity.pdbx_description
1 polymer 'DCN1-like protein 2'
2 polymer 'NEDD8-conjugating enzyme Ubc12'
3 non-polymer 'BROMIDE ION'
#
loop_
_entity_poly.entity_id
_entity_poly.type
_entity_poly.pdbx_seq_one_letter_code
_entity_poly.pdbx_strand_id
1 'polypeptide(L)'
;GSKKKLERLYGRYKDPQDENKIGVDGIQQFCDDLSLDPASISVLVIAWKFRAATQCEFSRKEFLDGMTELGCDSMEKLKA
LLPRLEQELKDTAKFKDFYQFTFTFAKNPGQKGLDLEMAVAYWKLVLSGRFKFLDLWNTFLMEHHKRSIPRDTWNLLLDF
GNMIADDMSNYDEEGAWPVLIDDFVEYARPVVTGGKRSLF
;
A,B,D,G
2 'polypeptide(L)' (AME)IKLFSLKQQKK C,E,F,H
#
# COMPACT_ATOMS: atom_id res chain seq x y z
N GLY A 1 -1.06 36.50 8.03
CA GLY A 1 0.25 36.23 7.37
C GLY A 1 0.60 34.76 7.22
N SER A 2 -0.35 33.90 7.60
CA SER A 2 -0.19 32.44 7.47
C SER A 2 -0.53 31.96 6.06
N LYS A 3 -1.47 32.66 5.42
CA LYS A 3 -1.88 32.37 4.05
C LYS A 3 -0.75 32.53 3.03
N LYS A 4 0.30 33.25 3.42
CA LYS A 4 1.45 33.50 2.55
C LYS A 4 2.03 32.23 1.92
N LYS A 5 2.46 31.28 2.75
CA LYS A 5 3.04 30.05 2.24
C LYS A 5 1.99 29.24 1.48
N LEU A 6 0.72 29.42 1.87
CA LEU A 6 -0.38 28.64 1.32
C LEU A 6 -0.77 29.10 -0.09
N GLU A 7 -0.87 30.41 -0.28
CA GLU A 7 -1.10 30.99 -1.61
C GLU A 7 -0.02 30.56 -2.59
N ARG A 8 1.24 30.66 -2.14
CA ARG A 8 2.38 30.24 -2.95
C ARG A 8 2.26 28.76 -3.32
N LEU A 9 1.91 27.92 -2.34
CA LEU A 9 1.75 26.48 -2.55
C LEU A 9 0.57 26.14 -3.46
N TYR A 10 -0.45 26.99 -3.46
CA TYR A 10 -1.55 26.82 -4.41
C TYR A 10 -1.06 27.03 -5.85
N GLY A 11 -0.30 28.10 -6.06
CA GLY A 11 0.23 28.43 -7.40
C GLY A 11 1.00 27.31 -8.07
N ARG A 12 1.52 26.40 -7.25
CA ARG A 12 2.25 25.22 -7.73
C ARG A 12 1.34 24.26 -8.53
N TYR A 13 0.06 24.18 -8.13
CA TYR A 13 -0.86 23.18 -8.66
C TYR A 13 -1.95 23.69 -9.60
N LYS A 14 -2.20 25.00 -9.59
CA LYS A 14 -3.28 25.59 -10.38
C LYS A 14 -3.16 25.34 -11.89
N ASP A 15 -4.29 25.02 -12.51
CA ASP A 15 -4.42 24.86 -13.95
C ASP A 15 -4.06 26.17 -14.67
N PRO A 16 -3.07 26.12 -15.58
CA PRO A 16 -2.69 27.29 -16.39
C PRO A 16 -3.83 27.85 -17.24
N GLN A 17 -4.82 27.00 -17.55
CA GLN A 17 -5.98 27.41 -18.34
C GLN A 17 -7.19 27.85 -17.49
N ASP A 18 -7.04 27.77 -16.16
CA ASP A 18 -8.07 28.20 -15.21
C ASP A 18 -7.46 28.36 -13.81
N GLU A 19 -7.24 29.61 -13.41
CA GLU A 19 -6.61 29.92 -12.11
C GLU A 19 -7.48 29.54 -10.91
N ASN A 20 -8.76 29.29 -11.15
CA ASN A 20 -9.72 29.02 -10.08
C ASN A 20 -9.90 27.52 -9.79
N LYS A 21 -9.02 26.69 -10.32
CA LYS A 21 -9.02 25.24 -10.07
C LYS A 21 -7.65 24.56 -10.22
N ILE A 22 -7.44 23.47 -9.49
CA ILE A 22 -6.30 22.58 -9.69
C ILE A 22 -6.73 21.47 -10.64
N GLY A 23 -6.07 21.38 -11.79
CA GLY A 23 -6.47 20.47 -12.84
C GLY A 23 -5.79 19.11 -12.83
N VAL A 24 -6.06 18.33 -13.88
CA VAL A 24 -5.55 16.95 -14.04
C VAL A 24 -4.06 16.83 -13.70
N ASP A 25 -3.22 17.59 -14.39
CA ASP A 25 -1.78 17.56 -14.16
C ASP A 25 -1.44 18.04 -12.75
N GLY A 26 -2.22 19.00 -12.26
CA GLY A 26 -2.05 19.55 -10.91
C GLY A 26 -2.35 18.52 -9.83
N ILE A 27 -3.41 17.75 -10.02
CA ILE A 27 -3.76 16.65 -9.14
C ILE A 27 -2.68 15.58 -9.17
N GLN A 28 -2.14 15.31 -10.36
CA GLN A 28 -1.05 14.35 -10.52
C GLN A 28 0.22 14.78 -9.78
N GLN A 29 0.53 16.08 -9.83
CA GLN A 29 1.68 16.64 -9.11
C GLN A 29 1.49 16.66 -7.59
N PHE A 30 0.32 17.14 -7.17
CA PHE A 30 -0.09 17.15 -5.75
C PHE A 30 0.07 15.76 -5.12
N CYS A 31 -0.45 14.74 -5.80
CA CYS A 31 -0.29 13.36 -5.38
C CYS A 31 1.16 12.92 -5.39
N ASP A 32 1.90 13.33 -6.43
CA ASP A 32 3.31 12.99 -6.56
C ASP A 32 4.11 13.59 -5.42
N ASP A 33 3.73 14.80 -5.01
CA ASP A 33 4.39 15.48 -3.90
C ASP A 33 4.18 14.74 -2.58
N LEU A 34 2.99 14.17 -2.42
CA LEU A 34 2.65 13.40 -1.21
C LEU A 34 3.21 11.98 -1.21
N SER A 35 3.84 11.59 -2.32
CA SER A 35 4.34 10.24 -2.51
C SER A 35 3.22 9.20 -2.34
N LEU A 36 2.08 9.46 -2.98
CA LEU A 36 0.93 8.57 -2.90
C LEU A 36 0.36 8.22 -4.28
N ASP A 37 -0.22 7.03 -4.36
CA ASP A 37 -0.94 6.62 -5.55
C ASP A 37 -2.19 7.50 -5.65
N PRO A 38 -2.35 8.23 -6.76
CA PRO A 38 -3.52 9.07 -6.93
C PRO A 38 -4.82 8.32 -6.57
N ALA A 39 -4.84 7.02 -6.85
CA ALA A 39 -6.03 6.19 -6.68
C ALA A 39 -6.14 5.53 -5.30
N SER A 40 -5.23 5.87 -4.40
CA SER A 40 -5.23 5.31 -3.06
C SER A 40 -6.34 5.91 -2.18
N ILE A 41 -6.69 5.17 -1.13
CA ILE A 41 -7.69 5.62 -0.15
C ILE A 41 -7.22 6.90 0.56
N SER A 42 -5.91 7.06 0.65
CA SER A 42 -5.30 8.20 1.31
C SER A 42 -5.61 9.51 0.58
N VAL A 43 -5.58 9.45 -0.75
CA VAL A 43 -5.96 10.60 -1.57
C VAL A 43 -7.44 10.92 -1.41
N LEU A 44 -8.26 9.87 -1.40
CA LEU A 44 -9.70 9.98 -1.17
C LEU A 44 -10.03 10.68 0.16
N VAL A 45 -9.32 10.29 1.22
CA VAL A 45 -9.46 10.93 2.53
C VAL A 45 -9.18 12.43 2.45
N ILE A 46 -8.09 12.79 1.78
CA ILE A 46 -7.70 14.20 1.63
C ILE A 46 -8.77 15.01 0.93
N ALA A 47 -9.33 14.45 -0.13
CA ALA A 47 -10.41 15.09 -0.88
C ALA A 47 -11.64 15.22 0.01
N TRP A 48 -11.88 14.21 0.82
CA TRP A 48 -12.98 14.21 1.76
C TRP A 48 -12.80 15.26 2.87
N LYS A 49 -11.56 15.57 3.18
CA LYS A 49 -11.30 16.61 4.16
C LYS A 49 -11.39 17.97 3.50
N PHE A 50 -11.14 17.98 2.20
CA PHE A 50 -11.24 19.19 1.39
C PHE A 50 -12.72 19.45 1.03
N ARG A 51 -13.54 18.42 1.19
CA ARG A 51 -14.97 18.46 0.85
C ARG A 51 -15.13 18.64 -0.65
N ALA A 52 -14.20 18.05 -1.40
CA ALA A 52 -14.11 18.24 -2.86
C ALA A 52 -15.39 17.83 -3.57
N ALA A 53 -15.76 18.57 -4.61
CA ALA A 53 -17.01 18.35 -5.33
C ALA A 53 -16.95 17.18 -6.31
N THR A 54 -15.85 17.10 -7.07
CA THR A 54 -15.72 16.09 -8.11
C THR A 54 -14.27 15.64 -8.19
N GLN A 55 -14.09 14.35 -8.41
CA GLN A 55 -12.75 13.77 -8.57
C GLN A 55 -11.91 14.46 -9.65
N CYS A 56 -10.60 14.40 -9.48
CA CYS A 56 -9.61 14.84 -10.47
C CYS A 56 -9.48 16.34 -10.65
N GLU A 57 -10.00 17.10 -9.69
CA GLU A 57 -9.78 18.54 -9.61
C GLU A 57 -10.19 19.10 -8.26
N PHE A 58 -9.54 20.19 -7.87
CA PHE A 58 -9.89 20.94 -6.68
C PHE A 58 -10.11 22.38 -7.07
N SER A 59 -11.18 22.99 -6.57
CA SER A 59 -11.35 24.42 -6.73
C SER A 59 -10.32 25.13 -5.87
N ARG A 60 -10.05 26.41 -6.18
CA ARG A 60 -9.14 27.21 -5.39
C ARG A 60 -9.62 27.37 -3.94
N LYS A 61 -10.94 27.27 -3.75
CA LYS A 61 -11.52 27.36 -2.42
C LYS A 61 -11.54 26.02 -1.69
N GLU A 62 -11.65 24.92 -2.43
CA GLU A 62 -11.55 23.57 -1.87
C GLU A 62 -10.18 23.32 -1.24
N PHE A 63 -9.13 23.77 -1.92
CA PHE A 63 -7.75 23.60 -1.46
C PHE A 63 -7.44 24.53 -0.29
N LEU A 64 -7.71 25.83 -0.44
CA LEU A 64 -7.38 26.81 0.59
C LEU A 64 -8.12 26.60 1.89
N ASP A 65 -9.44 26.48 1.82
CA ASP A 65 -10.26 26.22 3.02
C ASP A 65 -9.88 24.91 3.70
N GLY A 66 -9.73 23.85 2.91
CA GLY A 66 -9.37 22.52 3.42
C GLY A 66 -8.04 22.49 4.16
N MET A 67 -7.00 23.00 3.50
CA MET A 67 -5.65 23.07 4.09
C MET A 67 -5.66 23.98 5.31
N THR A 68 -6.38 25.11 5.21
CA THR A 68 -6.54 26.03 6.31
C THR A 68 -7.18 25.35 7.52
N GLU A 69 -8.22 24.55 7.25
CA GLU A 69 -8.96 23.82 8.29
C GLU A 69 -8.10 22.77 9.00
N LEU A 70 -7.17 22.19 8.26
CA LEU A 70 -6.20 21.26 8.83
C LEU A 70 -4.93 22.00 9.31
N GLY A 71 -4.88 23.31 9.09
CA GLY A 71 -3.74 24.14 9.48
C GLY A 71 -2.42 23.74 8.83
N CYS A 72 -2.45 23.58 7.51
CA CYS A 72 -1.28 23.13 6.77
C CYS A 72 -0.89 24.09 5.64
N ASP A 73 0.36 24.55 5.68
CA ASP A 73 0.90 25.44 4.64
C ASP A 73 2.00 24.75 3.83
N SER A 74 2.20 23.47 4.09
CA SER A 74 3.20 22.67 3.40
C SER A 74 2.58 21.35 2.99
N MET A 75 3.37 20.53 2.30
CA MET A 75 2.95 19.20 1.92
C MET A 75 3.41 18.13 2.91
N GLU A 76 4.34 18.49 3.80
CA GLU A 76 4.81 17.59 4.84
C GLU A 76 3.87 17.59 6.04
N LYS A 77 3.38 18.78 6.41
CA LYS A 77 2.41 18.92 7.49
C LYS A 77 1.17 18.12 7.14
N LEU A 78 0.72 18.27 5.90
CA LEU A 78 -0.39 17.49 5.37
C LEU A 78 -0.11 16.00 5.54
N LYS A 79 1.04 15.55 5.06
CA LYS A 79 1.41 14.13 5.16
C LYS A 79 1.42 13.67 6.62
N ALA A 80 1.99 14.49 7.49
CA ALA A 80 2.05 14.20 8.92
C ALA A 80 0.66 13.99 9.54
N LEU A 81 -0.36 14.54 8.90
CA LEU A 81 -1.72 14.41 9.39
C LEU A 81 -2.44 13.17 8.87
N LEU A 82 -2.03 12.68 7.70
CA LEU A 82 -2.72 11.54 7.05
C LEU A 82 -3.25 10.49 8.03
N PRO A 83 -2.35 9.83 8.79
CA PRO A 83 -2.75 8.79 9.74
C PRO A 83 -3.81 9.24 10.75
N ARG A 84 -3.62 10.41 11.36
CA ARG A 84 -4.59 10.97 12.30
C ARG A 84 -5.96 11.18 11.63
N LEU A 85 -5.93 11.41 10.32
CA LEU A 85 -7.14 11.56 9.53
C LEU A 85 -7.67 10.20 9.13
N GLU A 86 -6.78 9.33 8.65
CA GLU A 86 -7.15 7.97 8.27
C GLU A 86 -7.72 7.17 9.44
N GLN A 87 -7.17 7.38 10.64
CA GLN A 87 -7.71 6.81 11.87
C GLN A 87 -9.08 7.40 12.18
N GLU A 88 -9.23 8.68 11.86
CA GLU A 88 -10.49 9.41 12.06
C GLU A 88 -11.65 8.61 11.49
N LEU A 89 -11.34 7.69 10.57
CA LEU A 89 -12.33 6.84 9.90
C LEU A 89 -12.74 5.58 10.68
N LYS A 90 -12.45 5.56 11.98
CA LYS A 90 -12.91 4.45 12.81
C LYS A 90 -14.31 4.75 13.34
N ASP A 91 -14.56 6.02 13.68
CA ASP A 91 -15.87 6.47 14.14
C ASP A 91 -16.91 6.08 13.10
N THR A 92 -17.97 5.41 13.55
CA THR A 92 -19.01 4.93 12.63
C THR A 92 -19.67 6.08 11.87
N ALA A 93 -20.00 7.15 12.59
CA ALA A 93 -20.68 8.30 12.00
C ALA A 93 -19.77 9.07 11.03
N LYS A 94 -18.48 9.11 11.36
CA LYS A 94 -17.49 9.81 10.54
C LYS A 94 -17.19 9.04 9.26
N PHE A 95 -17.18 7.71 9.36
CA PHE A 95 -16.99 6.87 8.18
C PHE A 95 -18.20 6.93 7.24
N LYS A 96 -19.41 6.99 7.81
CA LYS A 96 -20.64 7.07 7.00
C LYS A 96 -20.64 8.30 6.10
N ASP A 97 -20.27 9.44 6.69
CA ASP A 97 -20.13 10.71 5.98
C ASP A 97 -19.13 10.58 4.84
N PHE A 98 -17.97 10.01 5.15
CA PHE A 98 -16.94 9.72 4.16
C PHE A 98 -17.46 8.84 3.05
N TYR A 99 -18.13 7.75 3.44
CA TYR A 99 -18.69 6.81 2.49
C TYR A 99 -19.73 7.46 1.58
N GLN A 100 -20.65 8.22 2.16
CA GLN A 100 -21.69 8.85 1.37
C GLN A 100 -21.09 9.96 0.52
N PHE A 101 -20.09 10.65 1.05
CA PHE A 101 -19.36 11.66 0.27
C PHE A 101 -18.79 11.06 -1.00
N THR A 102 -18.26 9.84 -0.90
CA THR A 102 -17.61 9.14 -2.01
C THR A 102 -18.49 9.08 -3.27
N PHE A 103 -19.78 8.84 -3.09
CA PHE A 103 -20.71 8.78 -4.21
C PHE A 103 -20.69 10.07 -5.04
N THR A 104 -21.12 11.19 -4.43
CA THR A 104 -21.16 12.50 -5.10
C THR A 104 -19.80 12.96 -5.64
N PHE A 105 -18.73 12.59 -4.96
CA PHE A 105 -17.36 12.88 -5.39
C PHE A 105 -17.04 12.14 -6.68
N ALA A 106 -17.42 10.86 -6.72
CA ALA A 106 -17.04 9.94 -7.80
C ALA A 106 -17.79 10.15 -9.11
N LYS A 107 -19.05 10.57 -9.04
CA LYS A 107 -19.92 10.63 -10.23
C LYS A 107 -19.72 11.88 -11.08
N ASN A 108 -20.29 11.87 -12.29
CA ASN A 108 -20.35 13.03 -13.17
C ASN A 108 -21.32 14.07 -12.63
N PRO A 109 -20.93 15.35 -12.68
CA PRO A 109 -21.84 16.41 -12.28
C PRO A 109 -23.02 16.49 -13.24
N GLY A 110 -24.21 16.74 -12.68
CA GLY A 110 -25.43 16.90 -13.49
C GLY A 110 -26.21 15.63 -13.81
N GLN A 111 -25.65 14.49 -13.42
CA GLN A 111 -26.31 13.19 -13.56
C GLN A 111 -26.67 12.59 -12.21
N LYS A 112 -27.84 11.96 -12.17
CA LYS A 112 -28.41 11.44 -10.93
C LYS A 112 -27.66 10.22 -10.38
N GLY A 113 -27.25 9.35 -11.29
CA GLY A 113 -26.63 8.07 -10.91
C GLY A 113 -25.12 8.05 -11.02
N LEU A 114 -24.56 6.89 -10.63
CA LEU A 114 -23.13 6.62 -10.76
C LEU A 114 -22.94 5.41 -11.66
N ASP A 115 -22.12 5.58 -12.70
CA ASP A 115 -21.83 4.52 -13.66
C ASP A 115 -21.26 3.29 -12.96
N LEU A 116 -21.59 2.10 -13.45
CA LEU A 116 -21.24 0.85 -12.78
C LEU A 116 -19.75 0.68 -12.50
N GLU A 117 -18.92 0.88 -13.52
CA GLU A 117 -17.48 0.65 -13.42
C GLU A 117 -16.79 1.54 -12.40
N MET A 118 -17.29 2.78 -12.28
CA MET A 118 -16.78 3.73 -11.32
C MET A 118 -17.23 3.34 -9.91
N ALA A 119 -18.47 2.89 -9.81
CA ALA A 119 -19.05 2.45 -8.54
C ALA A 119 -18.28 1.25 -7.97
N VAL A 120 -18.03 0.26 -8.81
CA VAL A 120 -17.25 -0.93 -8.45
C VAL A 120 -15.88 -0.49 -7.96
N ALA A 121 -15.17 0.28 -8.79
CA ALA A 121 -13.84 0.77 -8.45
C ALA A 121 -13.82 1.48 -7.10
N TYR A 122 -14.80 2.35 -6.86
CA TYR A 122 -14.90 3.07 -5.59
C TYR A 122 -15.32 2.20 -4.40
N TRP A 123 -16.15 1.19 -4.67
CA TRP A 123 -16.49 0.20 -3.66
C TRP A 123 -15.27 -0.61 -3.24
N LYS A 124 -14.51 -1.09 -4.22
CA LYS A 124 -13.29 -1.83 -3.95
C LYS A 124 -12.42 -1.01 -3.01
N LEU A 125 -12.40 0.31 -3.24
CA LEU A 125 -11.53 1.20 -2.51
C LEU A 125 -12.00 1.39 -1.06
N VAL A 126 -13.22 1.88 -0.88
CA VAL A 126 -13.71 2.25 0.45
C VAL A 126 -14.20 1.06 1.30
N LEU A 127 -14.81 0.07 0.63
CA LEU A 127 -15.49 -1.04 1.31
C LEU A 127 -14.70 -2.34 1.33
N SER A 128 -13.41 -2.27 0.99
CA SER A 128 -12.54 -3.44 0.97
C SER A 128 -12.23 -3.89 2.40
N GLY A 129 -12.58 -5.13 2.71
CA GLY A 129 -12.38 -5.66 4.06
C GLY A 129 -13.31 -5.04 5.08
N ARG A 130 -14.40 -4.40 4.59
CA ARG A 130 -15.47 -3.93 5.46
C ARG A 130 -16.70 -4.80 5.20
N PHE A 131 -16.71 -5.41 4.01
CA PHE A 131 -17.88 -6.05 3.45
C PHE A 131 -17.52 -7.46 3.03
N LYS A 132 -18.19 -8.43 3.64
CA LYS A 132 -17.95 -9.84 3.34
C LYS A 132 -18.43 -10.19 1.94
N PHE A 133 -19.42 -9.46 1.43
CA PHE A 133 -20.02 -9.81 0.16
C PHE A 133 -19.68 -8.89 -1.01
N LEU A 134 -18.64 -8.07 -0.85
CA LEU A 134 -18.21 -7.14 -1.88
C LEU A 134 -17.93 -7.81 -3.23
N ASP A 135 -17.11 -8.86 -3.22
CA ASP A 135 -16.70 -9.57 -4.43
C ASP A 135 -17.90 -10.13 -5.19
N LEU A 136 -18.81 -10.75 -4.43
CA LEU A 136 -20.03 -11.32 -4.98
C LEU A 136 -21.01 -10.23 -5.43
N TRP A 137 -20.97 -9.09 -4.74
CA TRP A 137 -21.82 -7.93 -5.03
C TRP A 137 -21.47 -7.27 -6.37
N ASN A 138 -20.18 -7.03 -6.59
CA ASN A 138 -19.70 -6.48 -7.83
C ASN A 138 -19.97 -7.40 -9.01
N THR A 139 -19.66 -8.69 -8.83
CA THR A 139 -19.92 -9.69 -9.86
C THR A 139 -21.40 -9.70 -10.22
N PHE A 140 -22.24 -9.76 -9.20
CA PHE A 140 -23.68 -9.74 -9.41
C PHE A 140 -24.09 -8.61 -10.34
N LEU A 141 -23.67 -7.39 -10.01
CA LEU A 141 -24.01 -6.20 -10.79
C LEU A 141 -23.46 -6.23 -12.23
N MET A 142 -22.23 -6.72 -12.39
CA MET A 142 -21.61 -6.79 -13.71
C MET A 142 -22.36 -7.77 -14.61
N GLU A 143 -22.69 -8.93 -14.07
CA GLU A 143 -23.35 -9.99 -14.83
C GLU A 143 -24.71 -9.59 -15.39
N HIS A 144 -25.44 -8.77 -14.65
CA HIS A 144 -26.79 -8.36 -15.06
C HIS A 144 -26.84 -6.99 -15.74
N HIS A 145 -25.67 -6.40 -15.93
CA HIS A 145 -25.51 -5.14 -16.68
C HIS A 145 -26.40 -4.01 -16.15
N LYS A 146 -26.38 -3.82 -14.84
CA LYS A 146 -26.98 -2.61 -14.28
C LYS A 146 -26.00 -1.48 -14.59
N ARG A 147 -26.40 -0.58 -15.50
CA ARG A 147 -25.45 0.41 -16.02
C ARG A 147 -25.18 1.56 -15.05
N SER A 148 -26.11 1.78 -14.12
CA SER A 148 -26.06 2.93 -13.21
C SER A 148 -26.43 2.55 -11.78
N ILE A 149 -25.86 3.28 -10.82
CA ILE A 149 -26.15 3.09 -9.40
C ILE A 149 -26.76 4.37 -8.80
N PRO A 150 -28.00 4.28 -8.29
CA PRO A 150 -28.63 5.40 -7.58
C PRO A 150 -28.01 5.67 -6.20
N ARG A 151 -28.12 6.91 -5.73
CA ARG A 151 -27.57 7.31 -4.43
C ARG A 151 -28.16 6.45 -3.31
N ASP A 152 -29.47 6.29 -3.35
CA ASP A 152 -30.23 5.51 -2.37
C ASP A 152 -29.65 4.11 -2.16
N THR A 153 -29.32 3.43 -3.27
CA THR A 153 -28.72 2.09 -3.22
C THR A 153 -27.27 2.10 -2.70
N TRP A 154 -26.49 3.11 -3.11
CA TRP A 154 -25.13 3.29 -2.61
C TRP A 154 -25.11 3.49 -1.09
N ASN A 155 -25.83 4.51 -0.62
CA ASN A 155 -25.88 4.85 0.80
C ASN A 155 -26.31 3.70 1.69
N LEU A 156 -27.34 2.97 1.26
CA LEU A 156 -27.91 1.90 2.08
C LEU A 156 -27.13 0.59 2.11
N LEU A 157 -26.33 0.34 1.07
CA LEU A 157 -25.45 -0.83 1.03
C LEU A 157 -24.51 -0.88 2.24
N LEU A 158 -24.11 0.31 2.72
CA LEU A 158 -23.32 0.44 3.94
C LEU A 158 -24.02 -0.25 5.09
N ASP A 159 -25.27 0.17 5.34
CA ASP A 159 -26.08 -0.41 6.42
C ASP A 159 -26.22 -1.92 6.27
N PHE A 160 -26.43 -2.35 5.02
CA PHE A 160 -26.50 -3.77 4.66
C PHE A 160 -25.24 -4.54 5.08
N GLY A 161 -24.07 -3.99 4.74
CA GLY A 161 -22.80 -4.60 5.09
C GLY A 161 -22.58 -4.78 6.58
N ASN A 162 -23.03 -3.78 7.34
CA ASN A 162 -22.90 -3.77 8.80
C ASN A 162 -23.62 -4.94 9.47
N MET A 163 -24.82 -5.25 8.98
CA MET A 163 -25.76 -6.12 9.69
C MET A 163 -25.96 -7.52 9.10
N ILE A 164 -25.49 -7.74 7.88
CA ILE A 164 -25.72 -9.03 7.20
C ILE A 164 -24.86 -10.18 7.76
N ALA A 165 -25.51 -11.31 8.03
CA ALA A 165 -24.85 -12.48 8.60
C ALA A 165 -24.14 -13.28 7.51
N ASP A 166 -23.19 -14.12 7.92
CA ASP A 166 -22.45 -14.99 7.02
C ASP A 166 -23.36 -15.79 6.09
N ASP A 167 -24.51 -16.23 6.61
CA ASP A 167 -25.47 -17.04 5.87
C ASP A 167 -26.62 -16.23 5.28
N MET A 168 -26.65 -14.93 5.58
CA MET A 168 -27.71 -14.02 5.12
C MET A 168 -29.10 -14.37 5.67
N SER A 169 -29.16 -15.22 6.69
CA SER A 169 -30.42 -15.70 7.26
C SER A 169 -31.21 -14.61 7.98
N ASN A 170 -30.48 -13.69 8.64
CA ASN A 170 -31.10 -12.61 9.40
C ASN A 170 -31.73 -11.52 8.51
N TYR A 171 -31.51 -11.63 7.20
CA TYR A 171 -32.10 -10.73 6.22
C TYR A 171 -33.60 -11.03 6.11
N ASP A 172 -34.44 -10.04 6.40
CA ASP A 172 -35.88 -10.21 6.25
C ASP A 172 -36.30 -9.99 4.79
N GLU A 173 -36.92 -11.03 4.21
CA GLU A 173 -37.31 -11.05 2.81
C GLU A 173 -38.30 -9.93 2.42
N GLU A 174 -38.85 -9.27 3.46
CA GLU A 174 -39.71 -8.10 3.27
C GLU A 174 -38.87 -6.84 3.14
N GLY A 175 -38.28 -6.41 4.29
CA GLY A 175 -37.32 -5.30 4.33
C GLY A 175 -37.77 -3.93 3.82
N ALA A 176 -36.92 -2.92 4.04
CA ALA A 176 -37.07 -1.60 3.42
C ALA A 176 -35.87 -1.40 2.50
N TRP A 177 -35.37 -2.50 1.95
CA TRP A 177 -34.18 -2.51 1.10
C TRP A 177 -34.51 -2.15 -0.35
N PRO A 178 -33.72 -1.23 -0.96
CA PRO A 178 -33.87 -0.87 -2.36
C PRO A 178 -33.81 -2.11 -3.25
N VAL A 179 -34.64 -2.11 -4.30
CA VAL A 179 -34.81 -3.27 -5.18
C VAL A 179 -33.49 -3.99 -5.49
N LEU A 180 -32.48 -3.21 -5.87
CA LEU A 180 -31.19 -3.72 -6.33
C LEU A 180 -30.46 -4.58 -5.28
N ILE A 181 -30.59 -4.19 -4.01
CA ILE A 181 -30.01 -4.95 -2.92
C ILE A 181 -30.79 -6.26 -2.74
N ASP A 182 -32.11 -6.17 -2.83
CA ASP A 182 -32.98 -7.34 -2.68
C ASP A 182 -32.74 -8.37 -3.78
N ASP A 183 -32.61 -7.89 -5.01
CA ASP A 183 -32.30 -8.76 -6.15
C ASP A 183 -31.01 -9.52 -5.90
N PHE A 184 -30.02 -8.81 -5.35
CA PHE A 184 -28.73 -9.39 -5.01
C PHE A 184 -28.85 -10.54 -4.04
N VAL A 185 -29.67 -10.36 -3.01
CA VAL A 185 -29.92 -11.40 -2.01
C VAL A 185 -30.57 -12.63 -2.65
N GLU A 186 -31.62 -12.40 -3.44
CA GLU A 186 -32.32 -13.49 -4.15
C GLU A 186 -31.42 -14.21 -5.16
N TYR A 187 -30.38 -13.52 -5.60
CA TYR A 187 -29.34 -14.14 -6.43
C TYR A 187 -28.29 -14.84 -5.58
N ALA A 188 -27.87 -14.16 -4.51
CA ALA A 188 -26.72 -14.60 -3.70
C ALA A 188 -27.03 -15.66 -2.63
N ARG A 189 -28.31 -15.77 -2.25
CA ARG A 189 -28.72 -16.72 -1.21
C ARG A 189 -28.38 -18.18 -1.52
N PRO A 190 -28.70 -18.67 -2.74
CA PRO A 190 -28.31 -20.03 -3.11
C PRO A 190 -26.80 -20.27 -3.05
N VAL A 191 -26.03 -19.29 -3.53
CA VAL A 191 -24.57 -19.38 -3.59
C VAL A 191 -23.91 -19.55 -2.21
N VAL A 192 -24.69 -19.35 -1.15
CA VAL A 192 -24.24 -19.63 0.22
C VAL A 192 -25.29 -20.51 0.94
N THR A 193 -25.36 -21.78 0.52
CA THR A 193 -26.21 -22.80 1.13
C THR A 193 -26.07 -24.18 0.41
N GLY B 1 -6.15 -39.91 -37.48
CA GLY B 1 -5.11 -40.91 -37.95
C GLY B 1 -3.71 -40.39 -37.74
N SER B 2 -3.43 -39.22 -38.33
CA SER B 2 -2.13 -38.57 -38.20
C SER B 2 -2.11 -37.70 -36.94
N LYS B 3 -3.20 -36.95 -36.74
CA LYS B 3 -3.37 -36.13 -35.55
C LYS B 3 -3.51 -36.99 -34.30
N LYS B 4 -4.16 -38.14 -34.45
CA LYS B 4 -4.34 -39.11 -33.35
C LYS B 4 -2.99 -39.47 -32.71
N LYS B 5 -2.04 -39.89 -33.53
CA LYS B 5 -0.68 -40.21 -33.08
C LYS B 5 -0.08 -39.02 -32.33
N LEU B 6 -0.25 -37.83 -32.90
CA LEU B 6 0.30 -36.59 -32.34
C LEU B 6 -0.39 -36.19 -31.03
N GLU B 7 -1.70 -36.42 -30.95
CA GLU B 7 -2.49 -36.09 -29.76
C GLU B 7 -2.02 -36.81 -28.50
N ARG B 8 -1.67 -38.09 -28.65
CA ARG B 8 -1.20 -38.91 -27.53
C ARG B 8 0.16 -38.42 -27.04
N LEU B 9 1.03 -38.07 -27.99
CA LEU B 9 2.39 -37.62 -27.68
C LEU B 9 2.39 -36.40 -26.77
N TYR B 10 1.53 -35.44 -27.08
CA TYR B 10 1.39 -34.24 -26.26
C TYR B 10 1.06 -34.60 -24.81
N GLY B 11 0.25 -35.66 -24.63
CA GLY B 11 -0.10 -36.16 -23.31
C GLY B 11 1.10 -36.49 -22.46
N ARG B 12 2.16 -37.01 -23.10
CA ARG B 12 3.44 -37.31 -22.47
C ARG B 12 4.14 -36.03 -21.99
N TYR B 13 3.74 -34.87 -22.50
CA TYR B 13 4.45 -33.62 -22.20
C TYR B 13 3.64 -32.55 -21.45
N LYS B 14 2.33 -32.72 -21.36
CA LYS B 14 1.47 -31.69 -20.75
C LYS B 14 1.66 -31.53 -19.25
N ASP B 15 1.62 -30.27 -18.80
CA ASP B 15 1.69 -29.93 -17.38
C ASP B 15 0.42 -30.42 -16.70
N PRO B 16 0.55 -31.36 -15.73
CA PRO B 16 -0.61 -31.90 -15.02
C PRO B 16 -1.54 -30.81 -14.46
N GLN B 17 -0.98 -29.63 -14.17
CA GLN B 17 -1.73 -28.53 -13.58
C GLN B 17 -2.33 -27.57 -14.61
N ASP B 18 -1.94 -27.73 -15.87
CA ASP B 18 -2.45 -26.90 -16.96
C ASP B 18 -2.48 -27.69 -18.26
N GLU B 19 -3.67 -28.16 -18.63
CA GLU B 19 -3.88 -29.00 -19.80
C GLU B 19 -3.29 -28.40 -21.07
N ASN B 20 -3.43 -27.09 -21.23
CA ASN B 20 -3.08 -26.42 -22.47
C ASN B 20 -1.62 -25.99 -22.64
N LYS B 21 -0.76 -26.39 -21.69
CA LYS B 21 0.66 -26.01 -21.74
C LYS B 21 1.62 -27.14 -21.31
N ILE B 22 2.74 -27.23 -22.01
CA ILE B 22 3.85 -28.08 -21.60
C ILE B 22 4.70 -27.25 -20.63
N GLY B 23 4.74 -27.70 -19.37
CA GLY B 23 5.47 -27.01 -18.31
C GLY B 23 6.95 -27.34 -18.27
N VAL B 24 7.61 -26.96 -17.18
CA VAL B 24 9.06 -27.10 -17.04
C VAL B 24 9.50 -28.56 -17.11
N ASP B 25 8.82 -29.42 -16.36
CA ASP B 25 9.12 -30.87 -16.37
C ASP B 25 8.93 -31.49 -17.74
N GLY B 26 7.90 -31.04 -18.45
CA GLY B 26 7.61 -31.49 -19.80
C GLY B 26 8.73 -31.20 -20.78
N ILE B 27 9.21 -29.96 -20.77
CA ILE B 27 10.30 -29.51 -21.66
C ILE B 27 11.57 -30.32 -21.41
N GLN B 28 11.91 -30.49 -20.14
CA GLN B 28 13.02 -31.34 -19.75
C GLN B 28 12.85 -32.72 -20.42
N GLN B 29 11.70 -33.34 -20.19
CA GLN B 29 11.35 -34.61 -20.80
C GLN B 29 11.46 -34.56 -22.33
N PHE B 30 10.89 -33.51 -22.91
CA PHE B 30 10.95 -33.25 -24.34
C PHE B 30 12.40 -33.32 -24.84
N CYS B 31 13.28 -32.50 -24.25
CA CYS B 31 14.69 -32.47 -24.64
C CYS B 31 15.42 -33.79 -24.38
N ASP B 32 15.01 -34.48 -23.31
CA ASP B 32 15.60 -35.75 -22.93
C ASP B 32 15.31 -36.81 -23.98
N ASP B 33 14.10 -36.77 -24.53
CA ASP B 33 13.70 -37.72 -25.55
C ASP B 33 14.37 -37.41 -26.89
N LEU B 34 14.66 -36.13 -27.11
CA LEU B 34 15.47 -35.72 -28.25
C LEU B 34 16.96 -35.91 -27.99
N SER B 35 17.30 -36.12 -26.72
CA SER B 35 18.69 -36.35 -26.29
C SER B 35 19.54 -35.11 -26.54
N LEU B 36 18.93 -33.95 -26.29
CA LEU B 36 19.58 -32.66 -26.48
C LEU B 36 19.63 -31.84 -25.19
N ASP B 37 20.78 -31.21 -24.97
CA ASP B 37 20.93 -30.22 -23.92
C ASP B 37 19.83 -29.16 -24.11
N PRO B 38 18.99 -28.95 -23.08
CA PRO B 38 17.89 -27.99 -23.17
C PRO B 38 18.33 -26.62 -23.67
N ALA B 39 19.59 -26.25 -23.38
CA ALA B 39 20.10 -24.93 -23.74
C ALA B 39 20.79 -24.91 -25.10
N SER B 40 20.87 -26.06 -25.76
CA SER B 40 21.58 -26.16 -27.03
C SER B 40 20.97 -25.25 -28.09
N ILE B 41 21.71 -25.05 -29.17
CA ILE B 41 21.24 -24.23 -30.28
C ILE B 41 20.07 -24.92 -30.97
N SER B 42 20.15 -26.24 -31.07
CA SER B 42 19.11 -27.07 -31.70
C SER B 42 17.73 -26.92 -31.05
N VAL B 43 17.70 -26.85 -29.73
CA VAL B 43 16.45 -26.66 -29.00
C VAL B 43 15.79 -25.35 -29.42
N LEU B 44 16.59 -24.30 -29.54
CA LEU B 44 16.10 -22.98 -29.92
C LEU B 44 15.53 -22.96 -31.33
N VAL B 45 16.15 -23.72 -32.23
CA VAL B 45 15.68 -23.86 -33.60
C VAL B 45 14.26 -24.44 -33.60
N ILE B 46 14.05 -25.51 -32.83
CA ILE B 46 12.74 -26.11 -32.73
C ILE B 46 11.71 -25.09 -32.24
N ALA B 47 12.07 -24.35 -31.20
CA ALA B 47 11.20 -23.32 -30.64
C ALA B 47 10.84 -22.27 -31.69
N TRP B 48 11.84 -21.89 -32.50
CA TRP B 48 11.66 -20.93 -33.59
C TRP B 48 10.70 -21.43 -34.66
N LYS B 49 10.75 -22.73 -34.95
CA LYS B 49 9.83 -23.34 -35.91
C LYS B 49 8.45 -23.58 -35.29
N PHE B 50 8.42 -23.74 -33.96
CA PHE B 50 7.17 -23.89 -33.22
C PHE B 50 6.47 -22.55 -33.05
N ARG B 51 7.23 -21.47 -33.26
CA ARG B 51 6.81 -20.08 -33.01
C ARG B 51 6.49 -19.86 -31.54
N ALA B 52 7.28 -20.47 -30.66
CA ALA B 52 7.05 -20.36 -29.21
C ALA B 52 7.18 -18.93 -28.70
N ALA B 53 6.25 -18.54 -27.83
CA ALA B 53 6.18 -17.20 -27.27
C ALA B 53 7.22 -16.92 -26.17
N THR B 54 7.49 -17.91 -25.34
CA THR B 54 8.40 -17.74 -24.20
C THR B 54 9.15 -19.03 -23.91
N GLN B 55 10.39 -18.90 -23.46
CA GLN B 55 11.23 -20.05 -23.09
C GLN B 55 10.68 -20.86 -21.93
N CYS B 56 11.07 -22.13 -21.87
CA CYS B 56 10.74 -23.02 -20.77
C CYS B 56 9.26 -23.41 -20.69
N GLU B 57 8.53 -23.16 -21.78
CA GLU B 57 7.15 -23.65 -21.93
C GLU B 57 6.66 -23.61 -23.38
N PHE B 58 5.86 -24.62 -23.75
CA PHE B 58 5.11 -24.62 -25.01
C PHE B 58 3.62 -24.66 -24.70
N SER B 59 2.84 -23.90 -25.46
CA SER B 59 1.38 -23.99 -25.39
C SER B 59 0.94 -25.15 -26.26
N ARG B 60 -0.25 -25.68 -25.99
CA ARG B 60 -0.81 -26.80 -26.75
C ARG B 60 -0.70 -26.61 -28.26
N LYS B 61 -1.14 -25.45 -28.75
CA LYS B 61 -1.11 -25.14 -30.18
C LYS B 61 0.32 -25.19 -30.73
N GLU B 62 1.18 -24.31 -30.21
CA GLU B 62 2.58 -24.19 -30.62
C GLU B 62 3.22 -25.54 -30.91
N PHE B 63 2.92 -26.51 -30.04
CA PHE B 63 3.40 -27.86 -30.22
C PHE B 63 2.69 -28.53 -31.38
N LEU B 64 1.36 -28.64 -31.29
CA LEU B 64 0.59 -29.32 -32.32
C LEU B 64 0.82 -28.73 -33.71
N ASP B 65 0.59 -27.43 -33.85
CA ASP B 65 0.77 -26.74 -35.13
C ASP B 65 2.20 -26.82 -35.67
N GLY B 66 3.19 -26.74 -34.79
CA GLY B 66 4.59 -26.79 -35.20
C GLY B 66 4.98 -28.16 -35.72
N MET B 67 4.63 -29.19 -34.94
CA MET B 67 4.87 -30.58 -35.32
C MET B 67 4.12 -30.95 -36.60
N THR B 68 2.90 -30.43 -36.74
CA THR B 68 2.10 -30.62 -37.94
C THR B 68 2.72 -29.91 -39.15
N GLU B 69 3.21 -28.69 -38.93
CA GLU B 69 3.94 -27.94 -39.96
C GLU B 69 5.18 -28.69 -40.42
N LEU B 70 5.94 -29.21 -39.47
CA LEU B 70 7.15 -30.00 -39.76
C LEU B 70 6.79 -31.40 -40.28
N GLY B 71 5.51 -31.77 -40.17
CA GLY B 71 5.02 -33.05 -40.65
C GLY B 71 5.57 -34.24 -39.87
N CYS B 72 5.70 -34.06 -38.55
CA CYS B 72 6.23 -35.10 -37.69
C CYS B 72 5.19 -35.55 -36.69
N ASP B 73 4.98 -36.86 -36.60
CA ASP B 73 4.04 -37.43 -35.65
C ASP B 73 4.71 -38.20 -34.50
N SER B 74 6.03 -38.08 -34.42
CA SER B 74 6.82 -38.66 -33.34
C SER B 74 8.15 -37.93 -33.21
N MET B 75 8.74 -37.99 -32.02
CA MET B 75 10.02 -37.34 -31.73
C MET B 75 11.13 -37.81 -32.67
N GLU B 76 11.14 -39.12 -32.97
CA GLU B 76 12.13 -39.71 -33.86
C GLU B 76 12.22 -38.92 -35.18
N LYS B 77 11.05 -38.66 -35.76
CA LYS B 77 10.95 -37.89 -37.00
C LYS B 77 11.51 -36.48 -36.80
N LEU B 78 11.17 -35.87 -35.66
CA LEU B 78 11.64 -34.53 -35.34
C LEU B 78 13.16 -34.44 -35.40
N LYS B 79 13.85 -35.50 -34.94
CA LYS B 79 15.31 -35.53 -34.95
C LYS B 79 15.91 -35.50 -36.36
N ALA B 80 15.32 -36.29 -37.27
CA ALA B 80 15.81 -36.37 -38.65
C ALA B 80 15.73 -35.03 -39.39
N LEU B 81 14.76 -34.20 -39.01
CA LEU B 81 14.54 -32.92 -39.66
C LEU B 81 15.48 -31.82 -39.19
N LEU B 82 16.12 -32.04 -38.03
CA LEU B 82 16.99 -31.01 -37.45
C LEU B 82 18.08 -30.53 -38.41
N PRO B 83 18.94 -31.45 -38.90
CA PRO B 83 20.00 -31.03 -39.82
C PRO B 83 19.49 -30.17 -40.98
N ARG B 84 18.31 -30.50 -41.50
CA ARG B 84 17.67 -29.71 -42.56
C ARG B 84 17.28 -28.31 -42.02
N LEU B 85 16.80 -28.28 -40.77
CA LEU B 85 16.33 -27.05 -40.15
C LEU B 85 17.47 -26.09 -39.83
N GLU B 86 18.58 -26.63 -39.33
CA GLU B 86 19.77 -25.81 -39.07
C GLU B 86 20.30 -25.16 -40.34
N GLN B 87 20.34 -25.92 -41.43
CA GLN B 87 20.75 -25.42 -42.73
C GLN B 87 19.97 -24.16 -43.11
N GLU B 88 18.70 -24.09 -42.68
CA GLU B 88 17.83 -22.96 -42.96
C GLU B 88 18.36 -21.66 -42.35
N LEU B 89 19.28 -21.79 -41.39
CA LEU B 89 19.86 -20.61 -40.72
C LEU B 89 21.04 -20.01 -41.47
N LYS B 90 21.35 -20.57 -42.64
CA LYS B 90 22.40 -20.01 -43.51
C LYS B 90 21.88 -18.77 -44.25
N ASP B 91 20.58 -18.78 -44.56
CA ASP B 91 19.89 -17.64 -45.15
C ASP B 91 19.98 -16.42 -44.24
N THR B 92 20.61 -15.36 -44.73
CA THR B 92 20.72 -14.11 -43.99
C THR B 92 19.34 -13.61 -43.55
N ALA B 93 18.33 -13.86 -44.39
CA ALA B 93 16.95 -13.45 -44.13
C ALA B 93 16.28 -14.33 -43.07
N LYS B 94 16.45 -15.65 -43.20
CA LYS B 94 15.89 -16.58 -42.23
C LYS B 94 16.54 -16.42 -40.86
N PHE B 95 17.88 -16.36 -40.84
CA PHE B 95 18.62 -16.13 -39.59
C PHE B 95 18.21 -14.83 -38.91
N LYS B 96 18.03 -13.77 -39.70
CA LYS B 96 17.56 -12.48 -39.19
C LYS B 96 16.26 -12.69 -38.41
N ASP B 97 15.32 -13.41 -39.02
CA ASP B 97 14.06 -13.72 -38.36
C ASP B 97 14.28 -14.56 -37.11
N PHE B 98 15.15 -15.56 -37.20
CA PHE B 98 15.51 -16.38 -36.05
C PHE B 98 16.15 -15.56 -34.93
N TYR B 99 17.11 -14.72 -35.29
CA TYR B 99 17.82 -13.88 -34.34
C TYR B 99 16.88 -12.93 -33.62
N GLN B 100 15.98 -12.30 -34.38
CA GLN B 100 15.04 -11.32 -33.82
C GLN B 100 13.92 -12.01 -33.04
N PHE B 101 13.69 -13.29 -33.33
CA PHE B 101 12.74 -14.10 -32.57
C PHE B 101 13.29 -14.43 -31.19
N THR B 102 14.61 -14.59 -31.10
CA THR B 102 15.26 -14.98 -29.85
C THR B 102 14.99 -13.97 -28.72
N PHE B 103 15.06 -12.68 -29.05
CA PHE B 103 14.79 -11.60 -28.09
C PHE B 103 13.45 -11.77 -27.36
N THR B 104 12.36 -11.83 -28.12
CA THR B 104 11.01 -12.01 -27.57
C THR B 104 10.87 -13.33 -26.80
N PHE B 105 11.52 -14.37 -27.31
CA PHE B 105 11.48 -15.71 -26.73
C PHE B 105 12.12 -15.76 -25.35
N ALA B 106 13.23 -15.03 -25.20
CA ALA B 106 14.03 -15.08 -23.99
C ALA B 106 13.44 -14.26 -22.84
N LYS B 107 12.99 -13.04 -23.17
CA LYS B 107 12.52 -12.07 -22.18
C LYS B 107 11.22 -12.48 -21.51
N ASN B 108 10.90 -11.80 -20.41
CA ASN B 108 9.69 -12.06 -19.65
C ASN B 108 8.50 -11.28 -20.20
N PRO B 109 7.35 -11.96 -20.35
CA PRO B 109 6.15 -11.22 -20.71
C PRO B 109 5.90 -10.15 -19.65
N GLY B 110 5.67 -8.91 -20.09
CA GLY B 110 5.40 -7.82 -19.17
C GLY B 110 6.49 -6.75 -19.10
N GLN B 111 7.74 -7.16 -19.34
CA GLN B 111 8.86 -6.21 -19.37
C GLN B 111 9.19 -5.75 -20.78
N LYS B 112 9.75 -4.54 -20.89
CA LYS B 112 10.05 -3.93 -22.19
C LYS B 112 11.40 -4.40 -22.72
N GLY B 113 12.31 -4.75 -21.81
CA GLY B 113 13.66 -5.15 -22.18
C GLY B 113 14.01 -6.60 -21.90
N LEU B 114 15.28 -6.94 -22.14
CA LEU B 114 15.83 -8.27 -21.86
C LEU B 114 16.96 -8.18 -20.83
N ASP B 115 16.83 -8.92 -19.73
CA ASP B 115 17.80 -8.93 -18.65
C ASP B 115 19.22 -9.17 -19.18
N LEU B 116 20.18 -8.38 -18.69
CA LEU B 116 21.55 -8.42 -19.21
C LEU B 116 22.18 -9.81 -19.23
N GLU B 117 22.05 -10.53 -18.12
CA GLU B 117 22.61 -11.88 -18.02
C GLU B 117 21.99 -12.81 -19.05
N MET B 118 20.66 -12.73 -19.20
CA MET B 118 19.91 -13.51 -20.17
C MET B 118 20.28 -13.13 -21.60
N ALA B 119 20.47 -11.84 -21.84
CA ALA B 119 20.87 -11.34 -23.16
C ALA B 119 22.22 -11.91 -23.58
N VAL B 120 23.21 -11.83 -22.69
CA VAL B 120 24.53 -12.38 -22.94
C VAL B 120 24.44 -13.89 -23.18
N ALA B 121 23.82 -14.58 -22.24
CA ALA B 121 23.62 -16.03 -22.31
C ALA B 121 23.16 -16.44 -23.70
N TYR B 122 22.16 -15.73 -24.23
CA TYR B 122 21.63 -16.03 -25.55
C TYR B 122 22.54 -15.56 -26.68
N TRP B 123 23.28 -14.48 -26.44
CA TRP B 123 24.22 -13.95 -27.43
C TRP B 123 25.39 -14.90 -27.67
N LYS B 124 25.93 -15.46 -26.59
CA LYS B 124 26.96 -16.50 -26.70
C LYS B 124 26.43 -17.62 -27.59
N LEU B 125 25.16 -17.95 -27.41
CA LEU B 125 24.52 -19.03 -28.16
C LEU B 125 24.42 -18.68 -29.64
N VAL B 126 23.60 -17.68 -29.96
CA VAL B 126 23.26 -17.40 -31.37
C VAL B 126 24.34 -16.68 -32.19
N LEU B 127 25.22 -15.93 -31.53
CA LEU B 127 26.27 -15.19 -32.22
C LEU B 127 27.64 -15.86 -32.14
N SER B 128 27.70 -17.04 -31.52
CA SER B 128 28.96 -17.77 -31.37
C SER B 128 29.57 -18.06 -32.74
N GLY B 129 30.82 -17.62 -32.92
CA GLY B 129 31.55 -17.79 -34.17
C GLY B 129 31.03 -16.91 -35.31
N ARG B 130 29.94 -16.19 -35.04
CA ARG B 130 29.30 -15.32 -36.03
C ARG B 130 29.55 -13.83 -35.72
N PHE B 131 30.29 -13.58 -34.64
CA PHE B 131 30.55 -12.21 -34.18
C PHE B 131 31.88 -12.18 -33.43
N LYS B 132 32.85 -11.48 -34.01
CA LYS B 132 34.23 -11.47 -33.51
C LYS B 132 34.39 -10.74 -32.17
N PHE B 133 33.66 -9.64 -32.01
CA PHE B 133 33.77 -8.83 -30.79
C PHE B 133 32.79 -9.24 -29.70
N LEU B 134 32.19 -10.42 -29.86
CA LEU B 134 31.20 -10.93 -28.92
C LEU B 134 31.69 -10.87 -27.49
N ASP B 135 32.90 -11.35 -27.25
CA ASP B 135 33.46 -11.41 -25.90
C ASP B 135 33.73 -10.04 -25.34
N LEU B 136 34.26 -9.16 -26.19
CA LEU B 136 34.55 -7.78 -25.82
C LEU B 136 33.26 -6.99 -25.60
N TRP B 137 32.23 -7.34 -26.35
CA TRP B 137 30.89 -6.78 -26.19
C TRP B 137 30.32 -7.17 -24.84
N ASN B 138 30.40 -8.45 -24.51
CA ASN B 138 29.86 -8.96 -23.25
C ASN B 138 30.52 -8.34 -22.02
N THR B 139 31.86 -8.34 -21.99
CA THR B 139 32.63 -7.78 -20.87
C THR B 139 32.39 -6.28 -20.73
N PHE B 140 32.15 -5.62 -21.87
CA PHE B 140 31.83 -4.19 -21.89
C PHE B 140 30.53 -3.92 -21.14
N LEU B 141 29.51 -4.71 -21.45
CA LEU B 141 28.21 -4.59 -20.80
C LEU B 141 28.31 -4.91 -19.31
N MET B 142 29.08 -5.94 -18.98
CA MET B 142 29.37 -6.27 -17.57
C MET B 142 30.00 -5.11 -16.83
N GLU B 143 31.03 -4.51 -17.45
CA GLU B 143 31.78 -3.42 -16.83
C GLU B 143 31.04 -2.08 -16.82
N HIS B 144 30.32 -1.77 -17.90
CA HIS B 144 29.79 -0.42 -18.11
C HIS B 144 28.31 -0.25 -18.44
N HIS B 145 27.61 -1.35 -18.72
CA HIS B 145 26.19 -1.24 -19.03
C HIS B 145 25.40 -2.42 -18.48
N LYS B 146 25.56 -2.69 -17.19
CA LYS B 146 24.90 -3.84 -16.54
C LYS B 146 23.40 -3.58 -16.29
N ARG B 147 22.70 -3.34 -17.39
CA ARG B 147 21.27 -3.01 -17.37
C ARG B 147 20.55 -3.85 -18.42
N SER B 148 19.23 -3.69 -18.52
CA SER B 148 18.43 -4.42 -19.51
C SER B 148 18.72 -3.94 -20.93
N ILE B 149 18.60 -4.84 -21.90
CA ILE B 149 18.88 -4.51 -23.30
C ILE B 149 17.56 -4.33 -24.04
N PRO B 150 17.41 -3.19 -24.73
CA PRO B 150 16.20 -2.94 -25.50
C PRO B 150 16.22 -3.69 -26.82
N ARG B 151 15.02 -3.95 -27.35
CA ARG B 151 14.81 -4.59 -28.64
C ARG B 151 15.64 -3.99 -29.78
N ASP B 152 15.64 -2.66 -29.90
CA ASP B 152 16.36 -1.98 -30.98
C ASP B 152 17.87 -2.24 -30.93
N THR B 153 18.38 -2.40 -29.72
CA THR B 153 19.80 -2.68 -29.52
C THR B 153 20.11 -4.12 -29.90
N TRP B 154 19.30 -5.05 -29.40
CA TRP B 154 19.42 -6.46 -29.76
C TRP B 154 19.43 -6.60 -31.27
N ASN B 155 18.37 -6.13 -31.90
CA ASN B 155 18.19 -6.25 -33.34
C ASN B 155 19.37 -5.74 -34.14
N LEU B 156 19.74 -4.48 -33.91
CA LEU B 156 20.75 -3.81 -34.71
C LEU B 156 22.17 -4.32 -34.54
N LEU B 157 22.44 -4.96 -33.40
CA LEU B 157 23.75 -5.57 -33.15
C LEU B 157 24.11 -6.57 -34.25
N LEU B 158 23.10 -7.27 -34.78
CA LEU B 158 23.31 -8.20 -35.87
C LEU B 158 23.94 -7.46 -37.04
N ASP B 159 23.26 -6.40 -37.49
CA ASP B 159 23.72 -5.64 -38.64
C ASP B 159 25.10 -5.04 -38.39
N PHE B 160 25.32 -4.59 -37.17
CA PHE B 160 26.63 -4.11 -36.74
C PHE B 160 27.72 -5.19 -36.90
N GLY B 161 27.45 -6.37 -36.35
CA GLY B 161 28.39 -7.50 -36.41
C GLY B 161 28.67 -8.00 -37.81
N ASN B 162 27.75 -7.76 -38.73
CA ASN B 162 27.88 -8.22 -40.11
C ASN B 162 28.94 -7.49 -40.93
N MET B 163 29.06 -6.18 -40.73
CA MET B 163 29.87 -5.36 -41.64
C MET B 163 31.12 -4.74 -41.01
N ILE B 164 31.15 -4.65 -39.68
CA ILE B 164 32.30 -4.07 -38.97
C ILE B 164 33.62 -4.81 -39.29
N ALA B 165 34.66 -4.04 -39.56
CA ALA B 165 36.00 -4.59 -39.88
C ALA B 165 36.79 -4.92 -38.61
N ASP B 166 38.00 -5.43 -38.76
CA ASP B 166 38.82 -5.83 -37.62
C ASP B 166 39.33 -4.65 -36.78
N ASP B 167 39.82 -3.61 -37.45
CA ASP B 167 40.36 -2.43 -36.77
C ASP B 167 39.26 -1.44 -36.36
N MET B 168 38.02 -1.73 -36.77
CA MET B 168 36.82 -0.88 -36.54
C MET B 168 36.84 0.45 -37.31
N SER B 169 37.63 0.49 -38.38
CA SER B 169 37.84 1.69 -39.19
C SER B 169 36.67 2.04 -40.12
N ASN B 170 35.69 1.14 -40.18
CA ASN B 170 34.52 1.33 -41.03
C ASN B 170 33.25 1.75 -40.27
N TYR B 171 33.44 2.19 -39.03
CA TYR B 171 32.31 2.59 -38.19
C TYR B 171 31.86 4.02 -38.51
N ASP B 172 30.56 4.18 -38.73
CA ASP B 172 29.95 5.47 -39.04
C ASP B 172 29.46 6.19 -37.76
N GLU B 173 30.12 7.34 -37.47
CA GLU B 173 29.85 8.09 -36.24
C GLU B 173 28.86 9.25 -36.45
N GLU B 174 28.37 9.40 -37.69
CA GLU B 174 27.38 10.43 -38.02
C GLU B 174 26.00 9.99 -37.52
N GLY B 175 25.97 9.35 -36.35
CA GLY B 175 24.73 9.00 -35.66
C GLY B 175 23.91 7.98 -36.43
N ALA B 176 24.53 6.83 -36.71
CA ALA B 176 23.84 5.75 -37.42
C ALA B 176 23.31 4.69 -36.45
N TRP B 177 24.00 4.53 -35.31
CA TRP B 177 23.75 3.44 -34.38
C TRP B 177 23.20 3.94 -33.04
N PRO B 178 22.47 3.08 -32.31
CA PRO B 178 22.03 3.37 -30.95
C PRO B 178 23.18 3.80 -30.04
N VAL B 179 22.86 4.62 -29.04
CA VAL B 179 23.86 5.22 -28.16
C VAL B 179 24.80 4.18 -27.56
N LEU B 180 24.27 2.99 -27.30
CA LEU B 180 25.04 1.92 -26.64
C LEU B 180 26.12 1.32 -27.53
N ILE B 181 25.79 1.13 -28.81
CA ILE B 181 26.76 0.59 -29.78
C ILE B 181 27.84 1.63 -30.09
N ASP B 182 27.46 2.91 -30.03
CA ASP B 182 28.41 4.00 -30.16
C ASP B 182 29.41 4.00 -29.00
N ASP B 183 28.91 3.84 -27.78
CA ASP B 183 29.75 3.80 -26.60
C ASP B 183 30.75 2.64 -26.64
N PHE B 184 30.27 1.47 -27.07
CA PHE B 184 31.09 0.25 -27.15
C PHE B 184 32.32 0.44 -28.05
N VAL B 185 32.10 0.98 -29.25
CA VAL B 185 33.18 1.24 -30.20
C VAL B 185 34.20 2.19 -29.59
N GLU B 186 33.72 3.20 -28.85
CA GLU B 186 34.57 4.17 -28.17
C GLU B 186 35.43 3.50 -27.12
N TYR B 187 35.01 2.30 -26.70
CA TYR B 187 35.71 1.55 -25.68
C TYR B 187 36.53 0.39 -26.29
N ALA B 188 36.13 -0.05 -27.48
CA ALA B 188 36.76 -1.19 -28.13
C ALA B 188 37.93 -0.80 -29.02
N ARG B 189 37.80 0.32 -29.73
CA ARG B 189 38.90 0.84 -30.55
C ARG B 189 40.21 0.91 -29.75
N PRO B 190 40.19 1.58 -28.58
CA PRO B 190 41.42 1.67 -27.78
C PRO B 190 42.08 0.32 -27.59
N VAL B 191 41.29 -0.69 -27.22
CA VAL B 191 41.78 -2.06 -27.01
C VAL B 191 42.44 -2.63 -28.27
N VAL B 192 41.74 -2.52 -29.41
CA VAL B 192 42.24 -3.06 -30.69
C VAL B 192 43.47 -2.29 -31.19
N ILE C 2 17.44 -21.50 -21.49
CA ILE C 2 18.45 -21.04 -20.50
C ILE C 2 17.89 -21.04 -19.06
N LYS C 3 16.64 -20.62 -18.90
CA LYS C 3 15.99 -20.54 -17.58
C LYS C 3 15.60 -21.88 -16.95
N LEU C 4 15.70 -22.97 -17.73
CA LEU C 4 15.20 -24.29 -17.28
C LEU C 4 15.97 -24.91 -16.11
N PHE C 5 17.27 -24.63 -16.01
CA PHE C 5 18.09 -25.12 -14.90
C PHE C 5 17.66 -24.48 -13.58
N SER C 6 17.68 -23.13 -13.55
CA SER C 6 17.21 -22.36 -12.40
C SER C 6 15.75 -22.69 -12.03
N LEU C 7 14.90 -22.89 -13.03
CA LEU C 7 13.48 -23.20 -12.81
C LEU C 7 13.25 -24.59 -12.20
N LYS C 8 14.16 -25.52 -12.51
CA LYS C 8 14.07 -26.89 -12.02
C LYS C 8 14.30 -26.94 -10.50
N GLN C 9 15.27 -26.14 -10.02
CA GLN C 9 15.54 -25.99 -8.59
C GLN C 9 14.52 -25.09 -7.89
N GLN C 10 14.20 -23.95 -8.52
CA GLN C 10 13.20 -23.00 -8.02
C GLN C 10 11.79 -23.46 -8.34
N LYS D 3 34.63 9.90 -16.10
CA LYS D 3 35.23 9.31 -14.86
C LYS D 3 35.58 10.37 -13.81
N LYS D 4 36.06 11.52 -14.28
CA LYS D 4 36.47 12.60 -13.38
C LYS D 4 35.27 13.23 -12.67
N LYS D 5 34.15 13.34 -13.40
CA LYS D 5 32.91 13.89 -12.86
C LYS D 5 32.30 12.94 -11.81
N LEU D 6 32.51 11.65 -12.01
CA LEU D 6 32.09 10.62 -11.09
C LEU D 6 32.99 10.61 -9.85
N GLU D 7 34.28 10.83 -10.07
CA GLU D 7 35.26 10.98 -9.00
C GLU D 7 34.96 12.24 -8.18
N ARG D 8 34.48 13.28 -8.87
CA ARG D 8 34.03 14.52 -8.23
C ARG D 8 32.86 14.28 -7.27
N LEU D 9 31.91 13.45 -7.72
CA LEU D 9 30.70 13.15 -6.96
C LEU D 9 31.02 12.41 -5.68
N TYR D 10 32.00 11.51 -5.75
CA TYR D 10 32.40 10.77 -4.56
C TYR D 10 32.87 11.72 -3.45
N GLY D 11 33.71 12.68 -3.82
CA GLY D 11 34.24 13.68 -2.89
C GLY D 11 33.14 14.33 -2.05
N ARG D 12 31.97 14.52 -2.67
CA ARG D 12 30.82 15.13 -2.01
C ARG D 12 30.31 14.26 -0.86
N TYR D 13 30.61 12.96 -0.91
CA TYR D 13 29.96 11.99 -0.03
C TYR D 13 30.85 11.32 1.03
N LYS D 14 32.15 11.22 0.77
CA LYS D 14 33.06 10.47 1.64
C LYS D 14 33.12 10.97 3.08
N ASP D 15 33.34 10.05 4.01
CA ASP D 15 33.56 10.37 5.42
C ASP D 15 34.86 11.15 5.56
N PRO D 16 34.78 12.36 6.15
CA PRO D 16 35.96 13.20 6.39
C PRO D 16 37.04 12.49 7.23
N GLN D 17 36.66 11.41 7.91
CA GLN D 17 37.59 10.65 8.76
C GLN D 17 37.89 9.25 8.22
N ASP D 18 37.44 8.98 7.00
CA ASP D 18 37.72 7.72 6.30
C ASP D 18 37.42 7.89 4.82
N GLU D 19 38.46 8.18 4.04
CA GLU D 19 38.31 8.52 2.62
C GLU D 19 37.82 7.33 1.77
N ASN D 20 37.98 6.11 2.30
CA ASN D 20 37.66 4.89 1.55
C ASN D 20 36.24 4.36 1.73
N LYS D 21 35.38 5.15 2.36
CA LYS D 21 33.96 4.81 2.53
C LYS D 21 33.08 6.04 2.72
N ILE D 22 31.80 5.89 2.37
CA ILE D 22 30.77 6.92 2.57
C ILE D 22 30.02 6.64 3.87
N GLY D 23 30.12 7.57 4.83
CA GLY D 23 29.58 7.35 6.18
C GLY D 23 28.14 7.77 6.35
N VAL D 24 27.66 7.70 7.60
CA VAL D 24 26.27 7.99 7.95
C VAL D 24 25.76 9.29 7.32
N ASP D 25 26.51 10.37 7.53
CA ASP D 25 26.13 11.68 7.01
C ASP D 25 26.15 11.70 5.49
N GLY D 26 27.08 10.96 4.90
CA GLY D 26 27.21 10.87 3.44
C GLY D 26 26.05 10.14 2.80
N ILE D 27 25.62 9.04 3.43
CA ILE D 27 24.48 8.24 2.96
C ILE D 27 23.19 9.06 2.99
N GLN D 28 22.98 9.79 4.09
CA GLN D 28 21.82 10.70 4.24
C GLN D 28 21.79 11.77 3.13
N GLN D 29 22.92 12.43 2.91
CA GLN D 29 23.06 13.41 1.84
C GLN D 29 22.73 12.79 0.47
N PHE D 30 23.25 11.58 0.24
CA PHE D 30 23.00 10.83 -1.00
C PHE D 30 21.53 10.51 -1.25
N CYS D 31 20.79 10.21 -0.18
CA CYS D 31 19.35 9.96 -0.31
C CYS D 31 18.58 11.28 -0.46
N ASP D 32 19.09 12.33 0.18
CA ASP D 32 18.54 13.69 0.06
C ASP D 32 18.62 14.20 -1.38
N ASP D 33 19.79 14.05 -1.98
CA ASP D 33 20.01 14.48 -3.36
C ASP D 33 19.11 13.72 -4.33
N LEU D 34 18.87 12.44 -4.03
CA LEU D 34 17.95 11.63 -4.82
C LEU D 34 16.49 11.93 -4.51
N SER D 35 16.28 12.81 -3.52
CA SER D 35 14.95 13.17 -3.04
C SER D 35 14.18 11.92 -2.62
N LEU D 36 14.83 11.09 -1.81
CA LEU D 36 14.26 9.83 -1.36
C LEU D 36 14.37 9.64 0.14
N ASP D 37 13.37 8.97 0.70
CA ASP D 37 13.47 8.46 2.06
C ASP D 37 14.60 7.43 2.12
N PRO D 38 15.55 7.60 3.06
CA PRO D 38 16.65 6.66 3.22
C PRO D 38 16.14 5.21 3.34
N ALA D 39 15.01 5.03 4.02
CA ALA D 39 14.47 3.70 4.28
C ALA D 39 13.52 3.20 3.19
N SER D 40 13.51 3.86 2.03
CA SER D 40 12.62 3.46 0.92
C SER D 40 13.18 2.26 0.16
N ILE D 41 12.30 1.55 -0.55
CA ILE D 41 12.68 0.38 -1.34
C ILE D 41 13.68 0.76 -2.43
N SER D 42 13.53 1.99 -2.93
CA SER D 42 14.39 2.52 -3.98
C SER D 42 15.86 2.54 -3.57
N VAL D 43 16.12 3.01 -2.35
CA VAL D 43 17.48 3.06 -1.83
C VAL D 43 18.09 1.66 -1.75
N LEU D 44 17.28 0.70 -1.28
CA LEU D 44 17.68 -0.69 -1.15
C LEU D 44 18.08 -1.31 -2.49
N VAL D 45 17.30 -1.01 -3.53
CA VAL D 45 17.58 -1.43 -4.88
C VAL D 45 18.98 -0.96 -5.31
N ILE D 46 19.26 0.32 -5.05
CA ILE D 46 20.53 0.93 -5.43
C ILE D 46 21.69 0.18 -4.78
N ALA D 47 21.62 0.06 -3.45
CA ALA D 47 22.63 -0.64 -2.69
C ALA D 47 22.84 -2.01 -3.29
N TRP D 48 21.73 -2.66 -3.64
CA TRP D 48 21.77 -3.98 -4.24
C TRP D 48 22.55 -3.99 -5.55
N LYS D 49 22.33 -2.98 -6.40
CA LYS D 49 23.09 -2.86 -7.63
C LYS D 49 24.54 -2.48 -7.32
N PHE D 50 24.72 -1.71 -6.25
CA PHE D 50 26.06 -1.29 -5.86
C PHE D 50 26.82 -2.46 -5.27
N ARG D 51 26.11 -3.55 -4.99
CA ARG D 51 26.67 -4.75 -4.33
C ARG D 51 27.25 -4.43 -2.94
N ALA D 52 26.58 -3.51 -2.23
CA ALA D 52 27.00 -3.05 -0.91
C ALA D 52 27.06 -4.17 0.11
N ALA D 53 28.05 -4.09 0.99
CA ALA D 53 28.27 -5.10 2.02
C ALA D 53 27.25 -4.97 3.16
N THR D 54 27.20 -3.79 3.76
CA THR D 54 26.35 -3.55 4.92
C THR D 54 25.68 -2.21 4.80
N GLN D 55 24.45 -2.14 5.30
CA GLN D 55 23.64 -0.92 5.27
C GLN D 55 24.31 0.30 5.90
N CYS D 56 23.86 1.48 5.50
CA CYS D 56 24.29 2.76 6.08
C CYS D 56 25.74 3.15 5.81
N GLU D 57 26.41 2.40 4.93
CA GLU D 57 27.72 2.80 4.41
C GLU D 57 28.08 2.15 3.09
N PHE D 58 28.69 2.95 2.22
CA PHE D 58 29.23 2.48 0.96
C PHE D 58 30.73 2.64 1.00
N SER D 59 31.47 1.67 0.47
CA SER D 59 32.90 1.83 0.30
C SER D 59 33.14 2.62 -0.99
N ARG D 60 34.32 3.22 -1.11
CA ARG D 60 34.70 3.92 -2.33
C ARG D 60 34.38 3.08 -3.56
N LYS D 61 34.90 1.86 -3.60
CA LYS D 61 34.69 0.97 -4.73
C LYS D 61 33.21 0.66 -4.98
N GLU D 62 32.47 0.39 -3.90
CA GLU D 62 31.04 0.10 -3.99
C GLU D 62 30.29 1.19 -4.78
N PHE D 63 30.64 2.44 -4.50
CA PHE D 63 30.04 3.58 -5.20
C PHE D 63 30.59 3.74 -6.61
N LEU D 64 31.91 3.63 -6.75
CA LEU D 64 32.58 3.78 -8.05
C LEU D 64 32.29 2.65 -9.04
N ASP D 65 32.43 1.40 -8.59
CA ASP D 65 32.05 0.26 -9.42
C ASP D 65 30.55 0.24 -9.76
N GLY D 66 29.70 0.51 -8.76
CA GLY D 66 28.26 0.49 -8.94
C GLY D 66 27.79 1.49 -9.99
N MET D 67 28.21 2.74 -9.83
CA MET D 67 27.83 3.83 -10.74
C MET D 67 28.35 3.59 -12.16
N THR D 68 29.58 3.07 -12.24
CA THR D 68 30.22 2.76 -13.51
C THR D 68 29.44 1.72 -14.32
N GLU D 69 29.02 0.65 -13.65
CA GLU D 69 28.35 -0.48 -14.31
C GLU D 69 26.95 -0.10 -14.79
N LEU D 70 26.35 0.88 -14.12
CA LEU D 70 25.08 1.45 -14.54
C LEU D 70 25.28 2.54 -15.58
N GLY D 71 26.52 3.00 -15.73
CA GLY D 71 26.86 4.10 -16.61
C GLY D 71 26.28 5.42 -16.15
N CYS D 72 26.59 5.79 -14.89
CA CYS D 72 26.10 7.03 -14.32
C CYS D 72 27.23 7.90 -13.77
N ASP D 73 27.27 9.17 -14.17
CA ASP D 73 28.26 10.11 -13.64
C ASP D 73 27.62 11.31 -12.91
N SER D 74 26.30 11.24 -12.74
CA SER D 74 25.55 12.26 -12.01
C SER D 74 24.39 11.60 -11.27
N MET D 75 23.86 12.30 -10.28
CA MET D 75 22.72 11.81 -9.51
C MET D 75 21.46 11.73 -10.38
N GLU D 76 21.26 12.76 -11.20
CA GLU D 76 20.10 12.82 -12.10
C GLU D 76 20.04 11.62 -13.05
N LYS D 77 21.19 11.25 -13.62
CA LYS D 77 21.28 10.05 -14.45
C LYS D 77 20.84 8.82 -13.68
N LEU D 78 21.32 8.69 -12.45
CA LEU D 78 20.96 7.58 -11.59
C LEU D 78 19.46 7.51 -11.32
N LYS D 79 18.85 8.67 -11.07
CA LYS D 79 17.43 8.73 -10.76
C LYS D 79 16.54 8.24 -11.92
N ALA D 80 16.96 8.53 -13.15
CA ALA D 80 16.30 8.01 -14.34
C ALA D 80 16.25 6.48 -14.33
N LEU D 81 17.38 5.86 -13.93
CA LEU D 81 17.52 4.41 -13.98
C LEU D 81 16.69 3.69 -12.92
N LEU D 82 16.28 4.42 -11.89
CA LEU D 82 15.55 3.83 -10.76
C LEU D 82 14.36 2.98 -11.19
N PRO D 83 13.34 3.59 -11.83
CA PRO D 83 12.16 2.83 -12.26
C PRO D 83 12.52 1.69 -13.22
N ARG D 84 13.60 1.84 -13.98
CA ARG D 84 14.10 0.76 -14.80
C ARG D 84 14.61 -0.38 -13.91
N LEU D 85 15.27 -0.01 -12.81
CA LEU D 85 15.85 -0.98 -11.90
C LEU D 85 14.77 -1.66 -11.07
N GLU D 86 13.92 -0.86 -10.44
CA GLU D 86 12.79 -1.39 -9.68
C GLU D 86 11.98 -2.37 -10.50
N GLN D 87 11.76 -2.03 -11.77
CA GLN D 87 11.03 -2.92 -12.66
C GLN D 87 11.78 -4.23 -12.90
N GLU D 88 13.11 -4.17 -12.95
CA GLU D 88 13.88 -5.39 -13.22
C GLU D 88 13.81 -6.39 -12.06
N LEU D 89 12.97 -6.08 -11.08
CA LEU D 89 12.64 -7.02 -10.01
C LEU D 89 11.37 -7.82 -10.32
N LYS D 90 10.93 -7.77 -11.58
CA LYS D 90 9.79 -8.59 -12.01
C LYS D 90 10.23 -10.03 -12.26
N ASP D 91 11.42 -10.20 -12.86
CA ASP D 91 12.07 -11.51 -12.95
C ASP D 91 12.04 -12.19 -11.59
N THR D 92 11.80 -13.49 -11.58
CA THR D 92 11.78 -14.25 -10.33
C THR D 92 13.21 -14.48 -9.81
N ALA D 93 14.10 -14.88 -10.71
CA ALA D 93 15.50 -15.16 -10.37
C ALA D 93 16.26 -13.89 -9.97
N LYS D 94 15.86 -12.75 -10.52
CA LYS D 94 16.47 -11.46 -10.18
C LYS D 94 16.02 -10.97 -8.81
N PHE D 95 14.72 -11.12 -8.51
CA PHE D 95 14.22 -10.76 -7.19
C PHE D 95 14.74 -11.68 -6.09
N LYS D 96 14.88 -12.97 -6.42
CA LYS D 96 15.46 -13.94 -5.49
C LYS D 96 16.86 -13.50 -5.08
N ASP D 97 17.63 -12.98 -6.04
CA ASP D 97 18.94 -12.44 -5.74
C ASP D 97 18.83 -11.22 -4.85
N PHE D 98 17.97 -10.27 -5.23
CA PHE D 98 17.74 -9.05 -4.47
C PHE D 98 17.34 -9.36 -3.03
N TYR D 99 16.35 -10.24 -2.89
CA TYR D 99 15.84 -10.65 -1.59
C TYR D 99 16.91 -11.28 -0.72
N GLN D 100 17.61 -12.29 -1.25
CA GLN D 100 18.64 -12.97 -0.47
C GLN D 100 19.78 -12.03 -0.10
N PHE D 101 20.07 -11.08 -0.99
CA PHE D 101 21.05 -10.03 -0.71
C PHE D 101 20.66 -9.18 0.51
N THR D 102 19.37 -8.87 0.64
CA THR D 102 18.89 -8.02 1.72
C THR D 102 19.33 -8.53 3.10
N PHE D 103 19.31 -9.85 3.27
CA PHE D 103 19.74 -10.44 4.53
C PHE D 103 21.18 -10.07 4.88
N THR D 104 22.09 -10.30 3.94
CA THR D 104 23.50 -10.03 4.13
C THR D 104 23.80 -8.53 4.22
N PHE D 105 22.92 -7.73 3.63
CA PHE D 105 23.02 -6.28 3.64
C PHE D 105 22.61 -5.70 5.00
N ALA D 106 21.57 -6.28 5.58
CA ALA D 106 20.92 -5.75 6.78
C ALA D 106 21.62 -6.09 8.09
N LYS D 107 22.22 -7.28 8.17
CA LYS D 107 22.79 -7.77 9.44
C LYS D 107 24.09 -7.07 9.84
N ASN D 108 24.52 -7.34 11.09
CA ASN D 108 25.82 -6.90 11.58
C ASN D 108 26.93 -7.81 11.07
N PRO D 109 28.09 -7.23 10.72
CA PRO D 109 29.21 -8.04 10.22
C PRO D 109 29.74 -8.97 11.30
N GLY D 110 30.16 -10.16 10.90
CA GLY D 110 30.70 -11.16 11.82
C GLY D 110 29.66 -12.10 12.43
N GLN D 111 28.48 -11.50 12.78
CA GLN D 111 27.38 -12.23 13.42
C GLN D 111 26.60 -13.11 12.43
N LYS D 112 26.17 -14.28 12.93
CA LYS D 112 25.56 -15.31 12.07
C LYS D 112 24.12 -15.01 11.66
N GLY D 113 23.32 -14.52 12.61
CA GLY D 113 21.89 -14.28 12.38
C GLY D 113 21.48 -12.82 12.27
N LEU D 114 20.26 -12.60 11.78
CA LEU D 114 19.71 -11.25 11.63
C LEU D 114 18.77 -10.95 12.79
N ASP D 115 19.06 -9.84 13.49
CA ASP D 115 18.25 -9.36 14.59
C ASP D 115 16.79 -9.23 14.15
N LEU D 116 15.89 -9.77 14.96
CA LEU D 116 14.46 -9.84 14.61
C LEU D 116 13.85 -8.52 14.16
N GLU D 117 14.10 -7.46 14.93
CA GLU D 117 13.56 -6.14 14.64
C GLU D 117 13.91 -5.71 13.21
N MET D 118 15.16 -5.96 12.84
CA MET D 118 15.65 -5.58 11.53
C MET D 118 15.05 -6.45 10.42
N ALA D 119 14.97 -7.75 10.69
CA ALA D 119 14.39 -8.68 9.74
C ALA D 119 12.95 -8.30 9.46
N VAL D 120 12.21 -7.98 10.53
CA VAL D 120 10.84 -7.50 10.41
C VAL D 120 10.83 -6.23 9.58
N ALA D 121 11.58 -5.23 10.03
CA ALA D 121 11.68 -3.95 9.32
C ALA D 121 11.85 -4.20 7.83
N TYR D 122 12.90 -4.95 7.47
CA TYR D 122 13.20 -5.25 6.08
C TYR D 122 12.17 -6.11 5.38
N TRP D 123 11.61 -7.09 6.09
CA TRP D 123 10.55 -7.93 5.54
C TRP D 123 9.40 -7.07 5.03
N LYS D 124 8.96 -6.14 5.88
CA LYS D 124 7.91 -5.18 5.54
C LYS D 124 8.26 -4.37 4.31
N LEU D 125 9.56 -4.19 4.05
CA LEU D 125 9.98 -3.36 2.95
C LEU D 125 9.99 -4.13 1.62
N VAL D 126 10.57 -5.33 1.61
CA VAL D 126 10.68 -6.09 0.37
C VAL D 126 9.47 -6.99 0.09
N LEU D 127 8.87 -7.52 1.15
CA LEU D 127 7.78 -8.48 1.00
C LEU D 127 6.39 -7.83 1.14
N SER D 128 6.37 -6.49 1.09
CA SER D 128 5.09 -5.77 1.10
C SER D 128 4.35 -6.02 -0.20
N GLY D 129 3.15 -6.58 -0.07
CA GLY D 129 2.27 -6.79 -1.20
C GLY D 129 2.51 -8.08 -1.97
N ARG D 130 3.46 -8.89 -1.49
CA ARG D 130 3.77 -10.17 -2.14
C ARG D 130 3.90 -11.33 -1.15
N PHE D 131 3.45 -11.09 0.07
CA PHE D 131 3.37 -12.13 1.09
C PHE D 131 2.13 -11.85 1.91
N LYS D 132 1.09 -12.62 1.62
CA LYS D 132 -0.23 -12.46 2.23
C LYS D 132 -0.23 -12.50 3.76
N PHE D 133 0.58 -13.39 4.33
CA PHE D 133 0.56 -13.59 5.78
C PHE D 133 1.68 -12.84 6.52
N LEU D 134 2.23 -11.82 5.86
CA LEU D 134 3.33 -11.01 6.41
C LEU D 134 3.06 -10.51 7.84
N ASP D 135 1.87 -9.91 8.05
CA ASP D 135 1.49 -9.38 9.35
C ASP D 135 1.40 -10.49 10.40
N LEU D 136 0.90 -11.64 9.96
CA LEU D 136 0.81 -12.80 10.83
C LEU D 136 2.20 -13.39 11.12
N TRP D 137 3.06 -13.35 10.11
CA TRP D 137 4.43 -13.83 10.23
C TRP D 137 5.23 -13.01 11.24
N ASN D 138 5.05 -11.70 11.21
CA ASN D 138 5.78 -10.80 12.10
C ASN D 138 5.29 -10.88 13.54
N THR D 139 3.97 -10.81 13.71
CA THR D 139 3.33 -10.93 15.03
C THR D 139 3.74 -12.23 15.71
N PHE D 140 3.66 -13.33 14.97
CA PHE D 140 4.11 -14.65 15.43
C PHE D 140 5.50 -14.60 16.05
N LEU D 141 6.46 -14.07 15.31
CA LEU D 141 7.85 -14.02 15.76
C LEU D 141 8.01 -13.12 16.97
N MET D 142 7.25 -12.02 16.99
CA MET D 142 7.34 -11.05 18.08
C MET D 142 6.75 -11.57 19.38
N GLU D 143 5.65 -12.33 19.26
CA GLU D 143 4.95 -12.88 20.42
C GLU D 143 5.77 -13.93 21.18
N HIS D 144 6.60 -14.69 20.45
CA HIS D 144 7.43 -15.73 21.07
C HIS D 144 8.87 -15.28 21.33
N HIS D 145 9.08 -13.96 21.32
CA HIS D 145 10.38 -13.33 21.62
C HIS D 145 11.57 -13.99 20.90
N LYS D 146 11.39 -14.33 19.62
CA LYS D 146 12.48 -14.88 18.83
C LYS D 146 13.53 -13.79 18.62
N ARG D 147 14.78 -14.09 18.98
CA ARG D 147 15.83 -13.08 18.99
C ARG D 147 16.50 -12.91 17.63
N SER D 148 16.70 -14.02 16.92
CA SER D 148 17.52 -14.02 15.72
C SER D 148 16.88 -14.75 14.54
N ILE D 149 17.12 -14.24 13.34
CA ILE D 149 16.68 -14.91 12.12
C ILE D 149 17.87 -15.40 11.30
N PRO D 150 18.02 -16.73 11.15
CA PRO D 150 19.10 -17.32 10.37
C PRO D 150 18.96 -17.13 8.85
N ARG D 151 20.10 -17.10 8.16
CA ARG D 151 20.15 -17.10 6.69
C ARG D 151 19.16 -18.09 6.12
N ASP D 152 19.33 -19.36 6.49
CA ASP D 152 18.50 -20.48 6.06
C ASP D 152 17.01 -20.18 6.17
N THR D 153 16.58 -19.69 7.33
CA THR D 153 15.16 -19.35 7.54
C THR D 153 14.73 -18.13 6.71
N TRP D 154 15.57 -17.10 6.67
CA TRP D 154 15.30 -15.92 5.83
C TRP D 154 15.08 -16.31 4.36
N ASN D 155 16.01 -17.08 3.82
CA ASN D 155 15.99 -17.46 2.41
C ASN D 155 14.76 -18.26 2.01
N LEU D 156 14.37 -19.21 2.85
CA LEU D 156 13.29 -20.14 2.54
C LEU D 156 11.88 -19.55 2.62
N LEU D 157 11.70 -18.52 3.45
CA LEU D 157 10.42 -17.81 3.57
C LEU D 157 9.95 -17.29 2.21
N LEU D 158 10.90 -16.94 1.35
CA LEU D 158 10.62 -16.54 -0.02
C LEU D 158 9.79 -17.60 -0.74
N ASP D 159 10.31 -18.83 -0.79
CA ASP D 159 9.66 -19.93 -1.52
C ASP D 159 8.34 -20.34 -0.88
N PHE D 160 8.28 -20.24 0.44
CA PHE D 160 7.06 -20.51 1.20
C PHE D 160 5.89 -19.65 0.71
N GLY D 161 6.07 -18.33 0.72
CA GLY D 161 5.02 -17.39 0.32
C GLY D 161 4.59 -17.49 -1.13
N ASN D 162 5.43 -18.11 -1.95
CA ASN D 162 5.15 -18.29 -3.37
C ASN D 162 4.08 -19.34 -3.65
N MET D 163 4.14 -20.46 -2.93
CA MET D 163 3.28 -21.62 -3.23
C MET D 163 2.18 -21.91 -2.19
N ILE D 164 2.34 -21.37 -0.98
CA ILE D 164 1.34 -21.59 0.08
C ILE D 164 -0.03 -21.01 -0.29
N ALA D 165 -1.08 -21.76 0.01
CA ALA D 165 -2.45 -21.34 -0.26
C ALA D 165 -2.97 -20.41 0.84
N ASP D 166 -4.16 -19.84 0.63
CA ASP D 166 -4.81 -18.97 1.63
C ASP D 166 -5.23 -19.75 2.87
N ASP D 167 -5.56 -21.03 2.68
CA ASP D 167 -5.99 -21.91 3.77
C ASP D 167 -4.85 -22.71 4.40
N MET D 168 -3.70 -22.74 3.71
CA MET D 168 -2.51 -23.53 4.12
C MET D 168 -2.72 -25.04 4.01
N SER D 169 -3.66 -25.46 3.15
CA SER D 169 -4.00 -26.88 2.98
C SER D 169 -2.92 -27.66 2.23
N ASN D 170 -2.23 -27.00 1.30
CA ASN D 170 -1.19 -27.66 0.49
C ASN D 170 0.20 -27.69 1.12
N TYR D 171 0.27 -27.46 2.43
CA TYR D 171 1.54 -27.45 3.15
C TYR D 171 1.90 -28.81 3.72
N ASP D 172 3.19 -29.17 3.60
CA ASP D 172 3.70 -30.43 4.10
C ASP D 172 4.58 -30.20 5.35
N GLU D 173 4.15 -30.80 6.48
CA GLU D 173 4.91 -30.72 7.74
C GLU D 173 6.08 -31.71 7.78
N GLU D 174 6.00 -32.74 6.93
CA GLU D 174 7.05 -33.76 6.83
C GLU D 174 8.19 -33.33 5.90
N GLY D 175 8.00 -32.19 5.23
CA GLY D 175 8.93 -31.72 4.19
C GLY D 175 10.28 -31.21 4.66
N ALA D 176 10.93 -30.45 3.79
CA ALA D 176 12.27 -29.93 4.06
C ALA D 176 12.26 -28.49 4.59
N TRP D 177 11.12 -28.09 5.20
CA TRP D 177 10.95 -26.74 5.71
C TRP D 177 11.64 -26.53 7.06
N PRO D 178 12.36 -25.40 7.22
CA PRO D 178 13.00 -25.03 8.47
C PRO D 178 11.98 -25.01 9.61
N VAL D 179 12.45 -25.34 10.81
CA VAL D 179 11.58 -25.51 11.97
C VAL D 179 10.78 -24.26 12.33
N LEU D 180 11.43 -23.09 12.26
CA LEU D 180 10.77 -21.81 12.53
C LEU D 180 9.53 -21.62 11.66
N ILE D 181 9.60 -22.10 10.42
CA ILE D 181 8.47 -22.08 9.51
C ILE D 181 7.43 -23.13 9.90
N ASP D 182 7.89 -24.33 10.27
CA ASP D 182 6.98 -25.38 10.77
C ASP D 182 6.18 -24.90 11.96
N ASP D 183 6.85 -24.21 12.89
CA ASP D 183 6.23 -23.65 14.09
C ASP D 183 5.15 -22.62 13.76
N PHE D 184 5.39 -21.85 12.69
CA PHE D 184 4.46 -20.81 12.25
C PHE D 184 3.17 -21.41 11.67
N VAL D 185 3.30 -22.45 10.85
CA VAL D 185 2.15 -23.10 10.24
C VAL D 185 1.19 -23.62 11.32
N GLU D 186 1.74 -24.45 12.22
CA GLU D 186 0.98 -25.08 13.30
C GLU D 186 0.34 -24.05 14.26
N TYR D 187 0.95 -22.87 14.34
CA TYR D 187 0.41 -21.77 15.13
C TYR D 187 -0.71 -21.01 14.41
N ALA D 188 -0.55 -20.80 13.11
CA ALA D 188 -1.42 -19.88 12.37
C ALA D 188 -2.40 -20.53 11.37
N ARG D 189 -2.62 -21.84 11.53
CA ARG D 189 -3.59 -22.56 10.69
C ARG D 189 -5.07 -22.26 11.04
N PRO D 190 -5.40 -22.15 12.35
CA PRO D 190 -6.74 -21.70 12.72
C PRO D 190 -7.04 -20.28 12.23
N ILE E 2 17.65 1.22 7.24
CA ILE E 2 16.72 1.23 8.40
C ILE E 2 17.39 1.77 9.66
N LYS E 3 18.64 1.36 9.89
CA LYS E 3 19.38 1.74 11.08
C LYS E 3 20.05 3.13 11.00
N LEU E 4 20.01 3.77 9.84
CA LEU E 4 20.74 5.02 9.62
C LEU E 4 20.50 6.07 10.72
N PHE E 5 19.24 6.35 10.99
CA PHE E 5 18.83 7.34 11.99
C PHE E 5 19.27 6.92 13.39
N SER E 6 19.14 5.64 13.67
CA SER E 6 19.66 5.04 14.89
C SER E 6 21.17 5.33 15.01
N LEU E 7 21.87 5.16 13.90
CA LEU E 7 23.33 5.34 13.87
C LEU E 7 23.74 6.82 13.73
N LYS E 8 22.79 7.69 13.35
CA LYS E 8 23.05 9.13 13.23
C LYS E 8 23.20 9.83 14.59
N GLN E 9 22.70 9.16 15.64
CA GLN E 9 22.85 9.64 17.03
C GLN E 9 24.07 9.02 17.73
N GLN E 10 24.34 7.75 17.43
CA GLN E 10 25.46 7.02 18.04
C GLN E 10 26.81 7.49 17.50
N ILE F 2 -9.70 7.97 -9.18
CA ILE F 2 -9.76 6.80 -10.11
C ILE F 2 -9.68 7.23 -11.58
N LYS F 3 -10.47 8.24 -11.97
CA LYS F 3 -10.56 8.64 -13.38
C LYS F 3 -9.37 9.47 -13.89
N LEU F 4 -8.37 9.73 -13.04
CA LEU F 4 -7.24 10.60 -13.41
C LEU F 4 -6.38 10.07 -14.55
N PHE F 5 -6.24 8.74 -14.64
CA PHE F 5 -5.45 8.13 -15.69
C PHE F 5 -6.12 8.26 -17.07
N SER F 6 -7.43 7.99 -17.12
CA SER F 6 -8.21 8.14 -18.34
C SER F 6 -8.27 9.59 -18.79
N LEU F 7 -8.38 10.51 -17.84
CA LEU F 7 -8.50 11.93 -18.12
C LEU F 7 -7.16 12.57 -18.55
N LYS F 8 -6.05 11.89 -18.27
CA LYS F 8 -4.73 12.33 -18.73
C LYS F 8 -4.44 11.80 -20.13
N GLN F 9 -4.79 10.54 -20.38
CA GLN F 9 -4.68 9.93 -21.72
C GLN F 9 -5.66 10.53 -22.74
N GLN F 10 -6.69 11.21 -22.24
CA GLN F 10 -7.69 11.86 -23.09
C GLN F 10 -7.39 13.35 -23.36
N LYS F 11 -6.51 13.94 -22.54
CA LYS F 11 -6.12 15.34 -22.70
C LYS F 11 -4.72 15.49 -23.31
N GLY G 1 -31.73 -7.63 50.56
CA GLY G 1 -33.06 -6.95 50.46
C GLY G 1 -33.06 -5.89 49.38
N SER G 2 -32.19 -4.90 49.54
CA SER G 2 -32.03 -3.81 48.58
C SER G 2 -31.41 -4.30 47.28
N LYS G 3 -30.37 -5.15 47.42
CA LYS G 3 -29.68 -5.76 46.28
C LYS G 3 -30.63 -6.49 45.33
N LYS G 4 -31.65 -7.13 45.89
CA LYS G 4 -32.67 -7.83 45.08
C LYS G 4 -33.51 -6.84 44.28
N LYS G 5 -34.09 -5.85 44.98
CA LYS G 5 -34.96 -4.86 44.35
C LYS G 5 -34.31 -4.17 43.15
N LEU G 6 -33.01 -3.88 43.28
CA LEU G 6 -32.25 -3.24 42.21
C LEU G 6 -32.00 -4.19 41.04
N GLU G 7 -31.78 -5.47 41.37
CA GLU G 7 -31.56 -6.50 40.36
C GLU G 7 -32.79 -6.66 39.46
N ARG G 8 -33.96 -6.38 40.04
CA ARG G 8 -35.20 -6.37 39.26
C ARG G 8 -35.19 -5.19 38.28
N LEU G 9 -34.82 -4.02 38.78
CA LEU G 9 -34.77 -2.80 37.98
C LEU G 9 -33.80 -2.89 36.79
N TYR G 10 -32.66 -3.57 36.98
CA TYR G 10 -31.71 -3.79 35.89
C TYR G 10 -32.29 -4.66 34.79
N GLY G 11 -33.18 -5.58 35.16
CA GLY G 11 -33.83 -6.46 34.19
C GLY G 11 -34.58 -5.70 33.12
N ARG G 12 -35.11 -4.55 33.51
CA ARG G 12 -35.84 -3.64 32.62
C ARG G 12 -34.94 -3.08 31.51
N TYR G 13 -33.67 -2.81 31.84
CA TYR G 13 -32.76 -2.08 30.95
C TYR G 13 -31.74 -2.93 30.19
N LYS G 14 -31.48 -4.13 30.67
CA LYS G 14 -30.50 -5.06 30.08
C LYS G 14 -30.63 -5.21 28.56
N ASP G 15 -29.49 -5.33 27.88
CA ASP G 15 -29.48 -5.63 26.45
C ASP G 15 -29.91 -7.07 26.23
N PRO G 16 -30.94 -7.28 25.37
CA PRO G 16 -31.39 -8.62 24.96
C PRO G 16 -30.26 -9.49 24.36
N GLN G 17 -29.26 -8.83 23.79
CA GLN G 17 -28.13 -9.49 23.16
C GLN G 17 -26.88 -9.54 24.05
N ASP G 18 -26.94 -8.87 25.21
CA ASP G 18 -25.83 -8.87 26.18
C ASP G 18 -26.37 -8.63 27.59
N GLU G 19 -26.52 -9.71 28.35
CA GLU G 19 -27.01 -9.65 29.73
C GLU G 19 -26.23 -8.69 30.62
N ASN G 20 -24.96 -8.50 30.29
CA ASN G 20 -24.00 -7.78 31.15
C ASN G 20 -23.92 -6.26 30.94
N LYS G 21 -24.71 -5.75 29.99
CA LYS G 21 -24.75 -4.32 29.75
C LYS G 21 -26.10 -3.78 29.27
N ILE G 22 -26.39 -2.54 29.68
CA ILE G 22 -27.53 -1.77 29.21
C ILE G 22 -27.14 -1.14 27.88
N GLY G 23 -27.83 -1.53 26.81
CA GLY G 23 -27.53 -1.04 25.46
C GLY G 23 -28.27 0.24 25.09
N VAL G 24 -28.20 0.58 23.81
CA VAL G 24 -28.79 1.81 23.25
C VAL G 24 -30.24 2.04 23.68
N ASP G 25 -31.08 1.03 23.46
CA ASP G 25 -32.50 1.07 23.82
C ASP G 25 -32.69 1.21 25.33
N GLY G 26 -31.93 0.43 26.08
CA GLY G 26 -31.95 0.50 27.55
C GLY G 26 -31.58 1.88 28.06
N ILE G 27 -30.54 2.48 27.47
CA ILE G 27 -30.14 3.86 27.80
C ILE G 27 -31.31 4.81 27.53
N GLN G 28 -31.90 4.68 26.33
CA GLN G 28 -33.06 5.48 25.95
C GLN G 28 -34.17 5.32 26.99
N GLN G 29 -34.49 4.08 27.31
CA GLN G 29 -35.53 3.78 28.29
C GLN G 29 -35.18 4.35 29.67
N PHE G 30 -33.90 4.22 30.04
CA PHE G 30 -33.37 4.75 31.29
C PHE G 30 -33.57 6.27 31.38
N CYS G 31 -33.30 6.95 30.26
CA CYS G 31 -33.46 8.40 30.19
C CYS G 31 -34.92 8.82 30.21
N ASP G 32 -35.74 8.12 29.43
CA ASP G 32 -37.18 8.36 29.42
C ASP G 32 -37.73 8.30 30.84
N ASP G 33 -37.44 7.20 31.53
CA ASP G 33 -37.91 7.00 32.90
C ASP G 33 -37.54 8.15 33.81
N LEU G 34 -36.39 8.76 33.56
CA LEU G 34 -35.93 9.87 34.39
C LEU G 34 -36.54 11.21 33.99
N SER G 35 -37.31 11.21 32.89
CA SER G 35 -37.87 12.44 32.31
C SER G 35 -36.76 13.40 31.90
N LEU G 36 -35.69 12.85 31.31
CA LEU G 36 -34.51 13.62 30.94
C LEU G 36 -34.12 13.39 29.49
N ASP G 37 -33.53 14.43 28.88
CA ASP G 37 -32.95 14.30 27.55
C ASP G 37 -31.61 13.56 27.66
N PRO G 38 -31.48 12.44 26.93
CA PRO G 38 -30.28 11.60 26.95
C PRO G 38 -28.99 12.39 26.75
N ALA G 39 -29.11 13.59 26.21
CA ALA G 39 -27.96 14.45 25.93
C ALA G 39 -27.87 15.66 26.87
N SER G 40 -28.80 15.75 27.82
CA SER G 40 -28.76 16.81 28.84
C SER G 40 -27.57 16.62 29.78
N ILE G 41 -27.16 17.72 30.42
CA ILE G 41 -26.06 17.70 31.39
C ILE G 41 -26.34 16.72 32.54
N SER G 42 -27.61 16.57 32.88
CA SER G 42 -28.05 15.72 33.98
C SER G 42 -27.63 14.25 33.82
N VAL G 43 -27.77 13.76 32.59
CA VAL G 43 -27.42 12.37 32.24
C VAL G 43 -25.92 12.11 32.37
N LEU G 44 -25.10 13.11 32.03
CA LEU G 44 -23.65 13.02 32.16
C LEU G 44 -23.18 13.01 33.63
N VAL G 45 -23.91 13.72 34.48
CA VAL G 45 -23.61 13.74 35.92
C VAL G 45 -23.83 12.36 36.52
N ILE G 46 -24.90 11.69 36.09
CA ILE G 46 -25.17 10.32 36.51
C ILE G 46 -24.09 9.40 35.97
N ALA G 47 -23.70 9.61 34.72
CA ALA G 47 -22.65 8.83 34.09
C ALA G 47 -21.36 8.96 34.87
N TRP G 48 -21.05 10.17 35.31
CA TRP G 48 -19.87 10.45 36.12
C TRP G 48 -19.90 9.75 37.49
N LYS G 49 -21.07 9.76 38.12
CA LYS G 49 -21.24 9.08 39.40
C LYS G 49 -21.17 7.58 39.23
N PHE G 50 -21.75 7.07 38.15
CA PHE G 50 -21.77 5.63 37.86
C PHE G 50 -20.40 5.08 37.48
N ARG G 51 -19.43 5.97 37.23
CA ARG G 51 -18.12 5.63 36.70
C ARG G 51 -18.22 4.88 35.36
N ALA G 52 -19.11 5.38 34.50
CA ALA G 52 -19.33 4.83 33.17
C ALA G 52 -18.10 4.98 32.30
N ALA G 53 -17.79 3.92 31.53
CA ALA G 53 -16.60 3.90 30.69
C ALA G 53 -16.77 4.69 29.40
N THR G 54 -17.87 4.44 28.70
CA THR G 54 -18.15 5.08 27.42
C THR G 54 -19.62 5.47 27.36
N GLN G 55 -19.91 6.56 26.67
CA GLN G 55 -21.29 6.99 26.42
C GLN G 55 -22.15 5.92 25.73
N CYS G 56 -23.46 6.04 25.93
CA CYS G 56 -24.47 5.23 25.23
C CYS G 56 -24.48 3.75 25.60
N GLU G 57 -23.88 3.42 26.74
CA GLU G 57 -24.02 2.11 27.38
C GLU G 57 -23.65 2.15 28.85
N PHE G 58 -24.24 1.24 29.63
CA PHE G 58 -23.81 0.98 31.00
C PHE G 58 -23.59 -0.51 31.16
N SER G 59 -22.55 -0.88 31.93
CA SER G 59 -22.34 -2.27 32.29
C SER G 59 -23.19 -2.56 33.51
N ARG G 60 -23.55 -3.84 33.68
CA ARG G 60 -24.19 -4.30 34.92
C ARG G 60 -23.52 -3.68 36.14
N LYS G 61 -22.22 -3.95 36.31
CA LYS G 61 -21.44 -3.39 37.40
C LYS G 61 -21.69 -1.89 37.55
N GLU G 62 -21.42 -1.15 36.47
CA GLU G 62 -21.54 0.31 36.47
C GLU G 62 -22.87 0.77 37.04
N PHE G 63 -23.93 0.05 36.67
CA PHE G 63 -25.28 0.37 37.13
C PHE G 63 -25.46 -0.01 38.59
N LEU G 64 -25.26 -1.29 38.90
CA LEU G 64 -25.48 -1.79 40.25
C LEU G 64 -24.62 -1.10 41.30
N ASP G 65 -23.31 -1.12 41.11
CA ASP G 65 -22.38 -0.43 42.01
C ASP G 65 -22.69 1.06 42.13
N GLY G 66 -23.13 1.65 41.01
CA GLY G 66 -23.44 3.08 40.95
C GLY G 66 -24.67 3.43 41.76
N MET G 67 -25.74 2.66 41.56
CA MET G 67 -26.98 2.83 42.29
C MET G 67 -26.79 2.55 43.79
N THR G 68 -26.02 1.50 44.09
CA THR G 68 -25.69 1.13 45.47
C THR G 68 -24.97 2.28 46.18
N GLU G 69 -23.89 2.79 45.59
CA GLU G 69 -23.14 3.94 46.13
C GLU G 69 -24.08 5.08 46.48
N LEU G 70 -24.97 5.39 45.55
CA LEU G 70 -25.96 6.45 45.72
C LEU G 70 -27.08 6.06 46.70
N GLY G 71 -27.16 4.79 47.04
CA GLY G 71 -28.20 4.29 47.95
C GLY G 71 -29.60 4.36 47.37
N CYS G 72 -29.69 4.14 46.04
CA CYS G 72 -30.98 4.17 45.34
C CYS G 72 -31.37 2.79 44.82
N ASP G 73 -32.65 2.46 44.98
CA ASP G 73 -33.20 1.22 44.42
C ASP G 73 -34.36 1.50 43.45
N SER G 74 -34.55 2.78 43.13
CA SER G 74 -35.55 3.21 42.16
C SER G 74 -35.07 4.44 41.42
N MET G 75 -35.65 4.69 40.25
CA MET G 75 -35.36 5.92 39.51
C MET G 75 -35.81 7.17 40.26
N GLU G 76 -36.98 7.06 40.91
CA GLU G 76 -37.54 8.14 41.73
C GLU G 76 -36.53 8.67 42.73
N LYS G 77 -35.91 7.76 43.49
CA LYS G 77 -34.85 8.13 44.42
C LYS G 77 -33.62 8.69 43.71
N LEU G 78 -33.24 8.11 42.56
CA LEU G 78 -32.14 8.63 41.76
C LEU G 78 -32.43 10.07 41.32
N LYS G 79 -33.69 10.34 41.01
CA LYS G 79 -34.10 11.67 40.58
C LYS G 79 -34.04 12.67 41.73
N ALA G 80 -34.55 12.27 42.90
CA ALA G 80 -34.46 13.10 44.09
C ALA G 80 -33.00 13.43 44.44
N LEU G 81 -32.09 12.53 44.05
CA LEU G 81 -30.67 12.72 44.33
C LEU G 81 -29.97 13.70 43.38
N LEU G 82 -30.56 13.92 42.20
CA LEU G 82 -29.91 14.73 41.15
C LEU G 82 -29.32 16.06 41.62
N PRO G 83 -30.15 16.95 42.22
CA PRO G 83 -29.65 18.23 42.72
C PRO G 83 -28.40 18.10 43.59
N ARG G 84 -28.38 17.13 44.50
CA ARG G 84 -27.23 16.90 45.39
C ARG G 84 -25.95 16.54 44.64
N LEU G 85 -26.11 16.01 43.42
CA LEU G 85 -24.98 15.65 42.56
C LEU G 85 -24.65 16.83 41.64
N GLU G 86 -25.71 17.51 41.20
CA GLU G 86 -25.61 18.72 40.38
C GLU G 86 -24.77 19.80 41.04
N GLN G 87 -25.04 20.05 42.32
CA GLN G 87 -24.30 21.05 43.08
C GLN G 87 -22.81 20.73 43.17
N GLU G 88 -22.48 19.43 43.28
CA GLU G 88 -21.09 18.98 43.35
C GLU G 88 -20.20 19.55 42.23
N LEU G 89 -20.84 20.02 41.17
CA LEU G 89 -20.13 20.68 40.05
C LEU G 89 -19.68 22.09 40.41
N LYS G 90 -19.98 22.51 41.64
CA LYS G 90 -19.49 23.76 42.19
C LYS G 90 -18.33 23.54 43.17
N ASP G 91 -17.61 22.44 42.97
CA ASP G 91 -16.33 22.25 43.65
C ASP G 91 -15.24 22.16 42.59
N THR G 92 -14.45 23.23 42.49
CA THR G 92 -13.32 23.29 41.58
C THR G 92 -12.65 21.91 41.38
N ALA G 93 -12.47 21.19 42.48
CA ALA G 93 -11.83 19.87 42.47
C ALA G 93 -12.71 18.75 41.92
N LYS G 94 -14.00 18.80 42.26
CA LYS G 94 -14.94 17.78 41.82
C LYS G 94 -15.29 18.00 40.36
N PHE G 95 -15.57 19.25 40.00
CA PHE G 95 -15.90 19.58 38.62
C PHE G 95 -14.76 19.22 37.67
N LYS G 96 -13.53 19.53 38.06
CA LYS G 96 -12.34 19.17 37.28
C LYS G 96 -12.34 17.69 36.98
N ASP G 97 -12.54 16.88 38.02
CA ASP G 97 -12.62 15.44 37.85
C ASP G 97 -13.73 15.04 36.91
N PHE G 98 -14.87 15.71 37.02
CA PHE G 98 -16.03 15.48 36.15
C PHE G 98 -15.76 15.94 34.71
N TYR G 99 -15.22 17.15 34.58
CA TYR G 99 -14.78 17.67 33.30
C TYR G 99 -13.81 16.72 32.60
N GLN G 100 -12.82 16.22 33.34
CA GLN G 100 -11.80 15.35 32.77
C GLN G 100 -12.31 13.95 32.46
N PHE G 101 -13.31 13.51 33.22
CA PHE G 101 -13.96 12.23 32.98
C PHE G 101 -14.71 12.26 31.65
N THR G 102 -15.24 13.43 31.31
CA THR G 102 -16.02 13.61 30.09
C THR G 102 -15.24 13.18 28.86
N PHE G 103 -14.00 13.67 28.73
CA PHE G 103 -13.15 13.32 27.61
C PHE G 103 -13.10 11.81 27.36
N THR G 104 -12.80 11.05 28.40
CA THR G 104 -12.69 9.59 28.31
C THR G 104 -14.04 8.98 27.97
N PHE G 105 -15.08 9.50 28.63
CA PHE G 105 -16.46 9.06 28.44
C PHE G 105 -16.90 9.21 26.99
N ALA G 106 -16.52 10.34 26.40
CA ALA G 106 -17.01 10.74 25.09
C ALA G 106 -16.39 9.97 23.94
N LYS G 107 -15.09 9.72 24.04
CA LYS G 107 -14.32 9.11 22.94
C LYS G 107 -14.60 7.62 22.74
N ASN G 108 -14.13 7.11 21.60
CA ASN G 108 -14.30 5.72 21.25
C ASN G 108 -13.14 4.90 21.80
N PRO G 109 -13.46 3.72 22.39
CA PRO G 109 -12.42 2.81 22.88
C PRO G 109 -11.34 2.55 21.83
N GLY G 110 -10.10 2.40 22.27
CA GLY G 110 -8.98 2.15 21.36
C GLY G 110 -8.59 3.34 20.50
N GLN G 111 -9.02 4.53 20.91
CA GLN G 111 -8.70 5.77 20.21
C GLN G 111 -8.01 6.78 21.13
N LYS G 112 -6.88 7.29 20.69
CA LYS G 112 -6.07 8.20 21.50
C LYS G 112 -6.77 9.54 21.78
N GLY G 113 -7.39 10.11 20.75
CA GLY G 113 -8.03 11.43 20.83
C GLY G 113 -9.54 11.46 20.69
N LEU G 114 -10.11 12.66 20.85
CA LEU G 114 -11.56 12.88 20.77
C LEU G 114 -12.00 13.62 19.50
N ASP G 115 -12.85 12.96 18.73
CA ASP G 115 -13.44 13.49 17.49
C ASP G 115 -13.88 14.96 17.66
N LEU G 116 -13.47 15.82 16.73
CA LEU G 116 -13.68 17.27 16.89
C LEU G 116 -15.14 17.63 17.15
N GLU G 117 -16.02 17.19 16.26
CA GLU G 117 -17.44 17.49 16.35
C GLU G 117 -18.00 17.02 17.70
N MET G 118 -17.58 15.83 18.12
CA MET G 118 -17.98 15.26 19.42
C MET G 118 -17.45 16.10 20.58
N ALA G 119 -16.20 16.54 20.47
CA ALA G 119 -15.57 17.35 21.51
C ALA G 119 -16.33 18.65 21.71
N VAL G 120 -16.69 19.28 20.60
CA VAL G 120 -17.48 20.50 20.62
C VAL G 120 -18.78 20.23 21.35
N ALA G 121 -19.48 19.17 20.92
CA ALA G 121 -20.79 18.82 21.46
C ALA G 121 -20.77 18.77 22.98
N TYR G 122 -19.74 18.15 23.54
CA TYR G 122 -19.58 18.05 24.97
C TYR G 122 -19.06 19.35 25.59
N TRP G 123 -18.21 20.07 24.87
CA TRP G 123 -17.77 21.37 25.36
C TRP G 123 -18.96 22.29 25.57
N LYS G 124 -19.91 22.25 24.63
CA LYS G 124 -21.16 23.01 24.74
C LYS G 124 -21.90 22.62 26.01
N LEU G 125 -21.88 21.34 26.35
CA LEU G 125 -22.56 20.83 27.53
C LEU G 125 -21.92 21.20 28.86
N VAL G 126 -20.63 20.93 29.03
CA VAL G 126 -19.98 21.12 30.33
C VAL G 126 -19.52 22.54 30.59
N LEU G 127 -19.12 23.24 29.53
CA LEU G 127 -18.54 24.58 29.66
C LEU G 127 -19.54 25.71 29.35
N SER G 128 -20.81 25.35 29.14
CA SER G 128 -21.83 26.34 28.85
C SER G 128 -21.95 27.31 30.02
N GLY G 129 -21.62 28.58 29.75
CA GLY G 129 -21.73 29.66 30.73
C GLY G 129 -20.60 29.73 31.75
N ARG G 130 -19.54 28.96 31.54
CA ARG G 130 -18.37 29.00 32.42
C ARG G 130 -17.06 29.09 31.63
N PHE G 131 -17.16 29.58 30.40
CA PHE G 131 -16.02 29.82 29.54
C PHE G 131 -16.42 30.94 28.58
N LYS G 132 -15.78 32.10 28.74
CA LYS G 132 -16.14 33.31 28.02
C LYS G 132 -16.02 33.15 26.49
N PHE G 133 -14.95 32.50 26.05
CA PHE G 133 -14.65 32.42 24.63
C PHE G 133 -15.08 31.09 24.00
N LEU G 134 -16.01 30.40 24.66
CA LEU G 134 -16.47 29.08 24.22
C LEU G 134 -16.91 29.05 22.76
N ASP G 135 -17.77 29.99 22.39
CA ASP G 135 -18.29 30.03 21.03
C ASP G 135 -17.16 30.32 20.05
N LEU G 136 -16.27 31.22 20.46
CA LEU G 136 -15.13 31.60 19.65
C LEU G 136 -14.13 30.45 19.53
N TRP G 137 -13.95 29.69 20.60
CA TRP G 137 -13.07 28.52 20.61
C TRP G 137 -13.53 27.43 19.64
N ASN G 138 -14.82 27.13 19.66
CA ASN G 138 -15.42 26.16 18.75
C ASN G 138 -15.27 26.56 17.27
N THR G 139 -15.71 27.78 16.98
CA THR G 139 -15.65 28.31 15.62
C THR G 139 -14.23 28.28 15.07
N PHE G 140 -13.26 28.60 15.93
CA PHE G 140 -11.84 28.58 15.58
C PHE G 140 -11.39 27.18 15.20
N LEU G 141 -11.83 26.18 15.98
CA LEU G 141 -11.51 24.79 15.65
C LEU G 141 -12.15 24.40 14.33
N MET G 142 -13.40 24.81 14.14
CA MET G 142 -14.12 24.58 12.89
C MET G 142 -13.46 25.25 11.70
N GLU G 143 -12.84 26.40 11.96
CA GLU G 143 -12.28 27.24 10.91
C GLU G 143 -10.82 26.91 10.65
N HIS G 144 -10.12 26.44 11.68
CA HIS G 144 -8.67 26.34 11.63
C HIS G 144 -8.06 25.02 12.11
N HIS G 145 -8.85 24.20 12.78
CA HIS G 145 -8.36 22.91 13.28
C HIS G 145 -9.45 21.83 13.33
N LYS G 146 -9.99 21.46 12.17
CA LYS G 146 -11.01 20.41 12.11
C LYS G 146 -10.37 19.02 12.20
N ARG G 147 -9.74 18.75 13.34
CA ARG G 147 -9.00 17.52 13.60
C ARG G 147 -9.30 17.02 15.01
N SER G 148 -8.98 15.76 15.29
CA SER G 148 -9.20 15.18 16.61
C SER G 148 -8.46 15.94 17.70
N ILE G 149 -9.03 15.99 18.90
CA ILE G 149 -8.46 16.72 20.03
C ILE G 149 -7.76 15.77 21.01
N PRO G 150 -6.49 16.05 21.34
CA PRO G 150 -5.72 15.28 22.30
C PRO G 150 -6.15 15.53 23.75
N ARG G 151 -5.97 14.52 24.59
CA ARG G 151 -6.33 14.60 26.00
C ARG G 151 -5.76 15.84 26.64
N ASP G 152 -4.44 16.03 26.51
CA ASP G 152 -3.74 17.13 27.17
C ASP G 152 -4.30 18.52 26.82
N THR G 153 -4.78 18.66 25.60
CA THR G 153 -5.42 19.89 25.18
C THR G 153 -6.76 20.06 25.91
N TRP G 154 -7.53 18.96 26.01
CA TRP G 154 -8.83 18.99 26.67
C TRP G 154 -8.68 19.42 28.13
N ASN G 155 -7.82 18.71 28.86
CA ASN G 155 -7.60 18.94 30.29
C ASN G 155 -7.23 20.38 30.63
N LEU G 156 -6.32 20.93 29.84
CA LEU G 156 -5.75 22.26 30.08
C LEU G 156 -6.66 23.44 29.75
N LEU G 157 -7.52 23.29 28.74
CA LEU G 157 -8.48 24.33 28.38
C LEU G 157 -9.30 24.78 29.59
N LEU G 158 -9.54 23.87 30.53
CA LEU G 158 -10.20 24.21 31.79
C LEU G 158 -9.41 25.31 32.50
N ASP G 159 -8.12 25.07 32.72
CA ASP G 159 -7.24 26.01 33.43
C ASP G 159 -7.14 27.34 32.68
N PHE G 160 -7.09 27.24 31.35
CA PHE G 160 -7.10 28.41 30.48
C PHE G 160 -8.37 29.25 30.65
N GLY G 161 -9.53 28.60 30.55
CA GLY G 161 -10.82 29.26 30.71
C GLY G 161 -11.04 29.82 32.10
N ASN G 162 -10.24 29.36 33.06
CA ASN G 162 -10.38 29.78 34.45
C ASN G 162 -9.67 31.07 34.80
N MET G 163 -8.60 31.40 34.07
CA MET G 163 -7.83 32.60 34.41
C MET G 163 -7.73 33.69 33.31
N ILE G 164 -8.16 33.35 32.09
CA ILE G 164 -8.03 34.28 30.95
C ILE G 164 -8.85 35.57 31.11
N ALA G 165 -8.19 36.70 30.90
CA ALA G 165 -8.82 38.02 30.99
C ALA G 165 -9.64 38.35 29.75
N ASP G 166 -10.52 39.33 29.86
CA ASP G 166 -11.43 39.73 28.78
C ASP G 166 -10.72 40.17 27.49
N ASP G 167 -9.63 40.92 27.63
CA ASP G 167 -8.85 41.36 26.47
C ASP G 167 -7.64 40.46 26.20
N MET G 168 -7.60 39.32 26.88
CA MET G 168 -6.56 38.29 26.73
C MET G 168 -5.12 38.81 27.01
N SER G 169 -5.01 39.70 28.01
CA SER G 169 -3.76 40.38 28.31
C SER G 169 -2.83 39.66 29.30
N ASN G 170 -3.31 38.54 29.86
CA ASN G 170 -2.60 37.87 30.95
C ASN G 170 -1.93 36.53 30.61
N TYR G 171 -2.11 36.07 29.37
CA TYR G 171 -1.57 34.78 28.94
C TYR G 171 -0.04 34.80 28.80
N ASP G 172 0.62 33.78 29.36
CA ASP G 172 2.06 33.63 29.22
C ASP G 172 2.42 32.99 27.88
N GLU G 173 3.45 33.54 27.24
CA GLU G 173 3.91 33.09 25.91
C GLU G 173 5.13 32.16 25.95
N GLU G 174 5.82 32.15 27.10
CA GLU G 174 7.06 31.40 27.24
C GLU G 174 6.80 29.88 27.24
N GLY G 175 6.08 29.41 26.21
CA GLY G 175 5.79 27.98 26.03
C GLY G 175 4.94 27.40 27.16
N ALA G 176 3.92 28.17 27.56
CA ALA G 176 3.10 27.85 28.72
C ALA G 176 2.08 26.76 28.41
N TRP G 177 1.44 26.90 27.22
CA TRP G 177 0.33 26.04 26.85
C TRP G 177 0.67 25.10 25.69
N PRO G 178 -0.13 24.04 25.48
CA PRO G 178 0.00 23.27 24.25
C PRO G 178 -0.12 24.19 23.04
N VAL G 179 0.33 23.71 21.88
CA VAL G 179 0.50 24.55 20.68
C VAL G 179 -0.83 25.07 20.14
N LEU G 180 -1.88 24.26 20.27
CA LEU G 180 -3.20 24.60 19.72
C LEU G 180 -3.86 25.78 20.44
N ILE G 181 -3.64 25.87 21.75
CA ILE G 181 -4.15 26.98 22.54
C ILE G 181 -3.38 28.26 22.19
N ASP G 182 -2.08 28.13 21.95
CA ASP G 182 -1.26 29.25 21.48
C ASP G 182 -1.76 29.80 20.15
N ASP G 183 -2.16 28.90 19.25
CA ASP G 183 -2.76 29.26 17.96
C ASP G 183 -4.04 30.05 18.16
N PHE G 184 -4.88 29.57 19.09
CA PHE G 184 -6.18 30.17 19.39
C PHE G 184 -6.07 31.63 19.80
N VAL G 185 -5.28 31.90 20.84
CA VAL G 185 -5.04 33.26 21.34
C VAL G 185 -4.56 34.20 20.23
N GLU G 186 -3.69 33.67 19.36
CA GLU G 186 -3.15 34.43 18.23
C GLU G 186 -4.26 34.90 17.28
N TYR G 187 -5.23 34.02 17.04
CA TYR G 187 -6.37 34.33 16.17
C TYR G 187 -7.52 34.99 16.95
N ALA G 188 -7.46 34.87 18.29
CA ALA G 188 -8.57 35.33 19.15
C ALA G 188 -8.42 36.75 19.66
N ARG G 189 -7.18 37.15 19.97
CA ARG G 189 -6.91 38.51 20.44
C ARG G 189 -7.49 39.60 19.51
N PRO G 190 -7.33 39.45 18.17
CA PRO G 190 -7.94 40.40 17.24
C PRO G 190 -9.44 40.58 17.44
N VAL G 191 -10.16 39.48 17.68
CA VAL G 191 -11.62 39.49 17.85
C VAL G 191 -12.07 40.40 19.00
N VAL G 192 -11.29 40.40 20.09
CA VAL G 192 -11.57 41.28 21.24
C VAL G 192 -10.73 42.57 21.18
N THR G 193 -11.09 43.46 20.25
CA THR G 193 -10.38 44.71 20.09
C THR G 193 -11.11 45.63 19.10
N ILE H 2 -24.24 11.93 23.77
CA ILE H 2 -24.34 12.73 22.53
C ILE H 2 -24.51 11.82 21.33
N LYS H 3 -23.76 10.72 21.31
CA LYS H 3 -23.85 9.75 20.22
C LYS H 3 -25.20 8.99 20.16
N LEU H 4 -25.99 9.03 21.24
CA LEU H 4 -27.19 8.18 21.33
C LEU H 4 -28.19 8.36 20.19
N PHE H 5 -28.54 9.60 19.86
CA PHE H 5 -29.49 9.88 18.77
C PHE H 5 -29.02 9.28 17.43
N SER H 6 -27.72 9.40 17.16
CA SER H 6 -27.12 8.79 15.98
C SER H 6 -27.19 7.26 16.03
N LEU H 7 -26.90 6.69 17.20
CA LEU H 7 -26.79 5.22 17.36
C LEU H 7 -28.13 4.47 17.29
N LYS H 8 -29.23 5.22 17.47
CA LYS H 8 -30.56 4.64 17.39
C LYS H 8 -30.89 4.33 15.93
N GLN H 9 -30.84 5.36 15.08
CA GLN H 9 -31.18 5.23 13.65
C GLN H 9 -30.25 4.28 12.87
N GLN H 10 -29.05 4.04 13.41
CA GLN H 10 -28.11 3.09 12.82
C GLN H 10 -28.52 1.66 13.16
#